data_4LHY
#
_entry.id   4LHY
#
_cell.length_a   80.587
_cell.length_b   164.765
_cell.length_c   166.421
_cell.angle_alpha   90.00
_cell.angle_beta   90.00
_cell.angle_gamma   90.00
#
_symmetry.space_group_name_H-M   'C 2 2 21'
#
loop_
_entity.id
_entity.type
_entity.pdbx_description
1 polymer 'Ras-related protein Rab-8A'
2 polymer 'Rab-3A-interacting protein'
3 non-polymer "GUANOSINE-5'-DIPHOSPHATE"
4 non-polymer 'SULFATE ION'
#
loop_
_entity_poly.entity_id
_entity_poly.type
_entity_poly.pdbx_seq_one_letter_code
_entity_poly.pdbx_strand_id
1 'polypeptide(L)'
;GHMAKTYDYLFKLLLIGDSGVGKTCVLFRFSEDAFNSTFISTIGIDFKIRTIELDGKRIKLQIWDTAGQERFRTITTAYY
RGAMGIMLVYDITNEKSFDNIRNWIRNIEEHASADVEKMILGNKCDVNDKRQVSKERGEKLALDYGIKFMETSAKANINV
ENAFFTLARDIKAKMDKKLEGNSPQG
;
A,B
2 'polypeptide(L)' GPGYERLKEELAKAQRELKLKDEECERLSKVRDQLGQELEELTASLFEEAHKMVREANIKQATAEKQLKEAQGKIDVL C,D,E,F
#
# COMPACT_ATOMS: atom_id res chain seq x y z
CA LYS A 5 -14.85 43.60 -16.30
C LYS A 5 -14.62 42.18 -15.74
N THR A 6 -15.57 41.30 -16.02
CA THR A 6 -15.55 39.88 -15.60
C THR A 6 -14.16 39.19 -15.81
N TYR A 7 -13.69 38.35 -14.87
CA TYR A 7 -14.40 37.69 -13.71
C TYR A 7 -15.01 38.48 -12.53
N ASP A 8 -15.63 37.77 -11.59
CA ASP A 8 -15.96 38.39 -10.31
C ASP A 8 -15.45 37.67 -9.07
N TYR A 9 -14.67 36.63 -9.25
CA TYR A 9 -13.79 36.13 -8.11
C TYR A 9 -12.38 35.57 -8.48
N LEU A 10 -11.38 35.47 -7.58
CA LEU A 10 -10.15 34.82 -7.99
C LEU A 10 -9.65 33.82 -6.96
N PHE A 11 -9.91 32.54 -7.18
CA PHE A 11 -9.33 31.50 -6.36
C PHE A 11 -7.98 31.02 -6.86
N LYS A 12 -7.06 30.92 -5.91
CA LYS A 12 -5.72 30.50 -6.17
C LYS A 12 -5.63 29.10 -5.58
N LEU A 13 -5.28 28.17 -6.46
CA LEU A 13 -5.26 26.77 -6.13
C LEU A 13 -3.85 26.25 -6.34
N LEU A 14 -3.57 25.11 -5.71
CA LEU A 14 -2.27 24.47 -5.78
C LEU A 14 -2.40 22.99 -5.93
N LEU A 15 -1.58 22.40 -6.78
CA LEU A 15 -1.50 20.95 -6.86
C LEU A 15 -0.21 20.46 -6.26
N ILE A 16 -0.24 19.58 -5.28
CA ILE A 16 1.02 19.10 -4.69
C ILE A 16 1.05 17.59 -4.53
N GLY A 17 2.24 16.99 -4.52
CA GLY A 17 2.38 15.55 -4.41
C GLY A 17 3.64 14.96 -5.00
N ASP A 18 3.79 13.66 -4.88
CA ASP A 18 4.90 12.93 -5.38
C ASP A 18 4.91 13.01 -6.86
N SER A 19 6.10 12.91 -7.40
CA SER A 19 6.33 13.19 -8.79
C SER A 19 5.72 12.06 -9.53
N GLY A 20 5.16 12.18 -10.71
CA GLY A 20 4.73 10.92 -11.30
C GLY A 20 3.49 10.29 -10.76
N VAL A 21 2.89 10.86 -9.73
CA VAL A 21 1.50 10.62 -9.50
C VAL A 21 0.59 11.16 -10.61
N GLY A 22 1.12 11.99 -11.51
CA GLY A 22 0.26 12.59 -12.56
C GLY A 22 -0.55 13.84 -12.15
N LYS A 23 -0.04 14.55 -11.13
CA LYS A 23 -0.42 15.92 -10.84
C LYS A 23 -0.57 16.73 -12.11
N THR A 24 0.45 16.70 -12.95
CA THR A 24 0.44 17.58 -14.12
C THR A 24 -0.59 17.25 -15.18
N CYS A 25 -0.93 15.99 -15.43
CA CYS A 25 -2.01 15.71 -16.40
C CYS A 25 -3.29 16.12 -15.82
N VAL A 26 -3.43 15.95 -14.54
CA VAL A 26 -4.69 16.21 -13.88
C VAL A 26 -5.12 17.64 -14.07
N LEU A 27 -4.10 18.45 -14.25
CA LEU A 27 -4.25 19.85 -14.48
C LEU A 27 -4.61 19.97 -15.91
N PHE A 28 -3.70 19.49 -16.74
CA PHE A 28 -3.79 19.76 -18.17
C PHE A 28 -5.16 19.37 -18.72
N ARG A 29 -5.84 18.46 -18.02
CA ARG A 29 -7.16 18.02 -18.43
C ARG A 29 -8.24 19.01 -18.00
N PHE A 30 -8.03 19.64 -16.85
CA PHE A 30 -8.97 20.61 -16.32
C PHE A 30 -8.90 21.91 -17.11
N SER A 31 -7.68 22.39 -17.34
CA SER A 31 -7.47 23.61 -18.06
C SER A 31 -7.74 23.43 -19.55
N GLU A 32 -7.89 22.22 -20.02
CA GLU A 32 -8.34 21.98 -21.39
C GLU A 32 -7.32 22.19 -22.51
N ASP A 33 -6.05 22.00 -22.23
CA ASP A 33 -4.97 22.25 -23.18
C ASP A 33 -5.06 21.16 -24.23
N ALA A 34 -4.68 21.48 -25.45
CA ALA A 34 -4.66 20.51 -26.58
C ALA A 34 -3.36 19.73 -26.62
N PHE A 35 -2.46 20.09 -25.70
CA PHE A 35 -1.06 19.73 -25.79
C PHE A 35 -0.46 19.35 -24.44
N ASN A 36 0.74 18.82 -24.57
CA ASN A 36 1.47 18.06 -23.57
C ASN A 36 2.56 18.91 -22.96
N SER A 37 2.94 19.98 -23.63
CA SER A 37 4.16 20.71 -23.30
C SER A 37 4.07 21.28 -21.92
N THR A 38 5.09 21.07 -21.08
CA THR A 38 5.00 21.65 -19.79
C THR A 38 6.38 21.85 -19.32
N PHE A 39 6.49 22.56 -18.23
CA PHE A 39 7.76 22.91 -17.70
C PHE A 39 7.89 22.16 -16.41
N ILE A 40 6.92 21.34 -16.11
CA ILE A 40 7.05 20.65 -14.84
C ILE A 40 8.32 19.82 -14.83
N SER A 41 8.63 19.18 -15.93
CA SER A 41 9.66 18.15 -15.89
C SER A 41 10.99 18.73 -15.46
N THR A 42 11.29 19.76 -16.18
CA THR A 42 12.53 20.56 -16.28
C THR A 42 12.59 21.61 -15.20
N ILE A 43 11.54 22.41 -15.04
CA ILE A 43 11.61 23.44 -14.03
C ILE A 43 11.05 23.01 -12.67
N GLY A 44 9.97 22.26 -12.72
CA GLY A 44 9.21 22.01 -11.54
C GLY A 44 8.15 23.03 -11.20
N ILE A 45 7.73 23.87 -12.12
CA ILE A 45 6.55 24.63 -11.84
C ILE A 45 5.75 24.67 -13.13
N ASP A 46 4.45 24.69 -13.01
CA ASP A 46 3.62 25.07 -14.11
C ASP A 46 2.29 25.55 -13.55
N PHE A 47 1.52 26.14 -14.44
CA PHE A 47 0.51 27.08 -14.04
C PHE A 47 -0.57 27.09 -15.09
N LYS A 48 -1.81 27.22 -14.69
CA LYS A 48 -2.85 27.23 -15.69
C LYS A 48 -4.03 28.03 -15.15
N ILE A 49 -4.77 28.69 -16.05
CA ILE A 49 -5.96 29.47 -15.70
C ILE A 49 -7.22 28.85 -16.25
N ARG A 50 -8.29 28.83 -15.49
CA ARG A 50 -9.56 28.52 -16.09
C ARG A 50 -10.65 29.24 -15.29
N THR A 51 -11.58 29.92 -15.99
CA THR A 51 -12.71 30.55 -15.30
C THR A 51 -13.90 29.65 -15.45
N ILE A 52 -14.69 29.50 -14.43
CA ILE A 52 -15.82 28.66 -14.54
C ILE A 52 -16.99 29.38 -14.01
N GLU A 53 -18.18 28.88 -14.22
CA GLU A 53 -19.30 29.52 -13.57
C GLU A 53 -19.89 28.57 -12.58
N LEU A 54 -20.19 29.10 -11.42
CA LEU A 54 -20.78 28.45 -10.26
C LEU A 54 -21.91 29.30 -9.68
N ASP A 55 -23.15 28.81 -9.81
CA ASP A 55 -24.35 29.54 -9.36
C ASP A 55 -24.38 30.92 -9.97
N GLY A 56 -24.01 30.98 -11.26
CA GLY A 56 -24.06 32.21 -12.02
C GLY A 56 -22.77 33.01 -12.03
N LYS A 57 -21.98 33.13 -10.96
CA LYS A 57 -20.77 34.02 -11.01
C LYS A 57 -19.47 33.57 -11.74
N ARG A 58 -18.63 34.47 -12.28
CA ARG A 58 -17.37 34.11 -12.90
C ARG A 58 -16.34 33.87 -11.79
N ILE A 59 -15.58 32.78 -11.91
CA ILE A 59 -14.57 32.43 -10.91
C ILE A 59 -13.27 32.01 -11.58
N LYS A 60 -12.25 32.80 -11.36
CA LYS A 60 -11.00 32.65 -12.08
C LYS A 60 -10.19 31.78 -11.15
N LEU A 61 -9.68 30.69 -11.70
CA LEU A 61 -8.97 29.73 -10.91
C LEU A 61 -7.58 29.87 -11.43
N GLN A 62 -6.65 30.16 -10.52
CA GLN A 62 -5.25 30.09 -10.87
C GLN A 62 -4.65 28.86 -10.25
N ILE A 63 -4.12 27.98 -11.08
CA ILE A 63 -3.73 26.71 -10.57
C ILE A 63 -2.26 26.58 -10.74
N TRP A 64 -1.59 26.43 -9.60
CA TRP A 64 -0.18 26.19 -9.56
C TRP A 64 0.01 24.72 -9.34
N ASP A 65 1.00 24.19 -10.03
CA ASP A 65 1.44 22.83 -9.85
C ASP A 65 2.92 22.76 -9.48
N THR A 66 3.23 22.28 -8.29
CA THR A 66 4.48 22.33 -7.61
C THR A 66 5.00 20.93 -7.56
N ALA A 67 6.33 20.81 -7.62
CA ALA A 67 6.97 19.52 -7.74
C ALA A 67 8.11 19.36 -6.79
N GLY A 68 8.02 20.08 -5.69
CA GLY A 68 9.05 20.15 -4.68
C GLY A 68 10.48 20.62 -4.88
N GLN A 69 10.98 20.85 -6.09
CA GLN A 69 12.46 20.87 -6.11
C GLN A 69 12.74 21.96 -5.11
N GLU A 70 13.72 21.66 -4.25
CA GLU A 70 14.44 22.60 -3.34
C GLU A 70 15.10 23.84 -3.99
N ARG A 71 15.34 23.67 -5.41
CA ARG A 71 15.87 24.77 -6.23
C ARG A 71 15.18 26.13 -6.07
N PHE A 72 13.84 26.07 -6.04
CA PHE A 72 12.97 27.23 -5.87
C PHE A 72 12.23 27.26 -4.56
N ARG A 73 12.86 26.78 -3.50
CA ARG A 73 12.16 26.55 -2.23
C ARG A 73 11.31 27.69 -1.74
N THR A 74 11.87 28.88 -1.83
CA THR A 74 11.22 30.10 -1.39
C THR A 74 9.94 30.49 -2.12
N ILE A 75 10.02 30.48 -3.42
CA ILE A 75 8.93 30.81 -4.36
C ILE A 75 7.78 29.86 -4.10
N THR A 76 8.05 28.56 -4.13
CA THR A 76 6.99 27.59 -3.89
C THR A 76 6.37 27.73 -2.47
N THR A 77 7.09 28.24 -1.47
CA THR A 77 6.38 28.54 -0.23
C THR A 77 5.37 29.58 -0.53
N ALA A 78 5.76 30.57 -1.32
CA ALA A 78 4.87 31.71 -1.58
C ALA A 78 3.52 31.26 -2.12
N TYR A 79 3.58 30.21 -2.94
CA TYR A 79 2.40 29.56 -3.45
C TYR A 79 1.63 28.83 -2.33
N TYR A 80 2.31 28.01 -1.54
CA TYR A 80 1.64 27.41 -0.41
C TYR A 80 0.90 28.45 0.43
N ARG A 81 1.64 29.48 0.84
CA ARG A 81 1.20 30.46 1.84
C ARG A 81 0.02 31.19 1.22
N GLY A 82 0.08 31.44 -0.08
CA GLY A 82 -1.00 32.16 -0.70
C GLY A 82 -2.13 31.38 -1.33
N ALA A 83 -2.22 30.10 -1.06
CA ALA A 83 -3.11 29.22 -1.79
C ALA A 83 -4.44 29.11 -1.07
N MET A 84 -5.53 29.07 -1.83
CA MET A 84 -6.88 28.99 -1.25
C MET A 84 -7.41 27.57 -1.13
N GLY A 85 -6.99 26.72 -2.06
CA GLY A 85 -7.35 25.32 -2.07
C GLY A 85 -6.18 24.54 -2.64
N ILE A 86 -5.79 23.49 -1.95
CA ILE A 86 -4.70 22.70 -2.41
C ILE A 86 -5.14 21.24 -2.56
N MET A 87 -4.77 20.61 -3.69
CA MET A 87 -5.11 19.20 -3.95
C MET A 87 -3.92 18.28 -3.72
N LEU A 88 -4.06 17.35 -2.78
CA LEU A 88 -3.04 16.33 -2.49
C LEU A 88 -3.34 15.12 -3.37
N VAL A 89 -2.32 14.66 -4.06
CA VAL A 89 -2.53 13.79 -5.20
C VAL A 89 -1.63 12.60 -5.14
N TYR A 90 -2.22 11.43 -5.02
CA TYR A 90 -1.41 10.20 -5.10
C TYR A 90 -1.78 9.36 -6.27
N ASP A 91 -0.98 8.35 -6.52
CA ASP A 91 -1.28 7.34 -7.53
C ASP A 91 -1.76 6.04 -6.89
N ILE A 92 -2.90 5.62 -7.30
CA ILE A 92 -3.36 4.36 -6.73
C ILE A 92 -2.62 3.15 -7.21
N THR A 93 -1.84 3.32 -8.28
CA THR A 93 -0.82 2.41 -8.75
C THR A 93 0.47 2.27 -7.88
N ASN A 94 0.58 3.09 -6.83
CA ASN A 94 1.83 3.22 -6.14
C ASN A 94 1.62 3.45 -4.66
N GLU A 95 2.09 2.65 -3.80
CA GLU A 95 1.78 2.98 -2.41
C GLU A 95 2.42 4.24 -1.85
N LYS A 96 3.74 4.25 -1.78
CA LYS A 96 4.45 5.31 -1.03
C LYS A 96 3.86 6.68 -1.27
N SER A 97 3.50 6.98 -2.54
CA SER A 97 2.67 8.15 -2.90
C SER A 97 1.54 8.30 -1.92
N PHE A 98 0.80 7.22 -1.71
CA PHE A 98 -0.27 7.23 -0.73
C PHE A 98 0.24 7.37 0.71
N ASP A 99 1.39 6.82 0.99
CA ASP A 99 1.86 6.83 2.35
C ASP A 99 2.26 8.26 2.68
N ASN A 100 3.03 8.83 1.75
CA ASN A 100 3.44 10.23 1.78
C ASN A 100 2.32 11.24 1.89
N ILE A 101 1.15 10.97 1.32
CA ILE A 101 0.05 11.90 1.44
C ILE A 101 -0.04 12.47 2.84
N ARG A 102 0.41 11.73 3.85
CA ARG A 102 0.47 12.24 5.21
C ARG A 102 1.55 13.29 5.27
N ASN A 103 2.77 12.88 4.95
CA ASN A 103 3.89 13.83 4.80
C ASN A 103 3.52 15.16 4.18
N TRP A 104 2.96 15.17 2.96
CA TRP A 104 2.49 16.42 2.37
C TRP A 104 1.58 17.13 3.33
N ILE A 105 0.59 16.43 3.86
CA ILE A 105 -0.35 17.03 4.84
C ILE A 105 0.40 17.81 5.92
N ARG A 106 1.58 17.32 6.31
CA ARG A 106 2.52 18.10 7.09
C ARG A 106 2.74 19.41 6.42
N ASN A 107 3.41 19.38 5.29
CA ASN A 107 3.78 20.59 4.64
C ASN A 107 2.61 21.53 4.64
N ILE A 108 1.49 21.01 4.22
CA ILE A 108 0.34 21.87 4.01
C ILE A 108 0.03 22.56 5.32
N GLU A 109 0.07 21.79 6.38
CA GLU A 109 -0.20 22.29 7.72
C GLU A 109 0.92 23.22 8.18
N GLU A 110 2.16 22.88 7.82
CA GLU A 110 3.30 23.61 8.29
C GLU A 110 3.55 24.85 7.39
N HIS A 111 3.75 24.69 6.07
CA HIS A 111 3.93 25.82 5.13
C HIS A 111 2.74 26.67 4.71
N ALA A 112 1.54 26.13 4.78
CA ALA A 112 0.38 26.78 4.20
C ALA A 112 -0.50 27.43 5.23
N SER A 113 -1.69 27.94 4.92
CA SER A 113 -2.54 28.73 5.89
C SER A 113 -3.52 27.99 6.86
N ALA A 114 -4.17 28.63 7.87
CA ALA A 114 -4.72 27.80 8.93
C ALA A 114 -6.12 27.32 8.56
N ASP A 115 -6.74 27.96 7.59
CA ASP A 115 -8.10 27.56 7.16
C ASP A 115 -8.16 26.95 5.75
N VAL A 116 -7.00 26.73 5.13
CA VAL A 116 -6.99 26.33 3.71
C VAL A 116 -7.95 25.16 3.46
N GLU A 117 -8.58 25.16 2.30
CA GLU A 117 -9.35 24.02 1.88
C GLU A 117 -8.46 23.00 1.23
N LYS A 118 -8.72 21.76 1.58
CA LYS A 118 -7.87 20.61 1.28
C LYS A 118 -8.65 19.47 0.62
N MET A 119 -8.02 18.74 -0.33
CA MET A 119 -8.68 17.62 -1.04
C MET A 119 -7.69 16.51 -1.50
N ILE A 120 -7.90 15.28 -1.02
CA ILE A 120 -7.04 14.15 -1.42
C ILE A 120 -7.57 13.58 -2.69
N LEU A 121 -6.70 13.56 -3.68
CA LEU A 121 -7.08 13.16 -5.01
C LEU A 121 -6.33 11.85 -5.34
N GLY A 122 -7.09 10.75 -5.39
CA GLY A 122 -6.54 9.44 -5.71
C GLY A 122 -6.49 9.28 -7.21
N ASN A 123 -5.34 9.50 -7.81
CA ASN A 123 -5.26 9.52 -9.27
C ASN A 123 -4.96 8.21 -9.98
N LYS A 124 -5.23 8.23 -11.27
CA LYS A 124 -5.16 7.00 -12.11
C LYS A 124 -6.20 5.90 -11.73
N CYS A 125 -7.31 6.27 -11.12
CA CYS A 125 -8.26 5.23 -10.71
C CYS A 125 -8.72 4.30 -11.85
N ASP A 126 -8.39 4.70 -13.07
CA ASP A 126 -8.78 4.02 -14.28
C ASP A 126 -8.07 2.75 -14.48
N VAL A 127 -6.86 2.71 -14.02
CA VAL A 127 -6.09 1.51 -14.23
C VAL A 127 -6.18 0.59 -13.06
N ASN A 128 -7.32 -0.05 -12.92
CA ASN A 128 -7.54 -0.91 -11.79
C ASN A 128 -6.63 -2.10 -11.78
N ASP A 129 -6.28 -2.61 -12.93
CA ASP A 129 -5.47 -3.78 -12.89
C ASP A 129 -4.09 -3.56 -12.32
N LYS A 130 -3.65 -2.32 -12.12
CA LYS A 130 -2.36 -2.16 -11.49
C LYS A 130 -2.56 -1.50 -10.11
N ARG A 131 -3.75 -1.66 -9.60
CA ARG A 131 -4.22 -1.02 -8.38
C ARG A 131 -3.74 -1.57 -7.05
N GLN A 132 -2.79 -0.89 -6.41
CA GLN A 132 -2.31 -1.23 -5.09
C GLN A 132 -3.09 -0.55 -3.94
N VAL A 133 -3.71 0.60 -4.14
CA VAL A 133 -4.40 1.26 -3.03
C VAL A 133 -5.91 1.10 -3.10
N SER A 134 -6.48 0.44 -2.10
CA SER A 134 -7.89 0.31 -2.10
C SER A 134 -8.49 1.67 -1.92
N LYS A 135 -9.65 1.87 -2.52
CA LYS A 135 -10.38 3.12 -2.37
C LYS A 135 -10.85 3.23 -0.96
N GLU A 136 -11.39 2.15 -0.44
CA GLU A 136 -11.93 2.14 0.89
C GLU A 136 -10.90 2.71 1.85
N ARG A 137 -9.68 2.25 1.68
CA ARG A 137 -8.57 2.68 2.48
C ARG A 137 -8.20 4.10 2.15
N GLY A 138 -8.51 4.50 0.94
CA GLY A 138 -8.38 5.90 0.54
C GLY A 138 -9.31 6.80 1.29
N GLU A 139 -10.58 6.47 1.31
CA GLU A 139 -11.57 7.31 1.98
C GLU A 139 -11.21 7.47 3.47
N LYS A 140 -10.77 6.39 4.11
CA LYS A 140 -10.42 6.43 5.54
C LYS A 140 -9.30 7.41 5.89
N LEU A 141 -8.28 7.47 5.07
CA LEU A 141 -7.29 8.51 5.20
C LEU A 141 -7.99 9.82 5.25
N ALA A 142 -8.76 10.14 4.21
CA ALA A 142 -9.46 11.40 4.13
C ALA A 142 -10.28 11.67 5.39
N LEU A 143 -11.17 10.76 5.73
CA LEU A 143 -12.05 10.95 6.86
C LEU A 143 -11.26 11.15 8.14
N ASP A 144 -10.23 10.37 8.35
CA ASP A 144 -9.38 10.61 9.48
C ASP A 144 -9.09 12.10 9.54
N TYR A 145 -8.39 12.63 8.53
CA TYR A 145 -8.02 14.05 8.51
C TYR A 145 -9.17 15.06 8.23
N GLY A 146 -10.41 14.57 8.19
CA GLY A 146 -11.56 15.44 7.96
C GLY A 146 -11.51 16.20 6.66
N ILE A 147 -10.97 15.59 5.61
CA ILE A 147 -10.87 16.23 4.31
C ILE A 147 -11.55 15.37 3.22
N LYS A 148 -11.94 16.03 2.12
CA LYS A 148 -12.65 15.37 1.03
C LYS A 148 -11.70 14.54 0.24
N PHE A 149 -12.19 13.47 -0.35
CA PHE A 149 -11.31 12.56 -1.12
C PHE A 149 -11.97 12.25 -2.44
N MET A 150 -11.16 12.03 -3.44
CA MET A 150 -11.75 11.76 -4.71
C MET A 150 -10.82 11.02 -5.68
N GLU A 151 -11.36 9.99 -6.32
CA GLU A 151 -10.61 9.13 -7.22
C GLU A 151 -10.78 9.62 -8.63
N THR A 152 -9.74 9.53 -9.43
CA THR A 152 -9.55 10.41 -10.53
C THR A 152 -8.66 9.86 -11.60
N SER A 153 -8.95 10.14 -12.86
CA SER A 153 -8.14 9.59 -13.94
C SER A 153 -7.73 10.67 -14.93
N ALA A 154 -6.51 11.13 -15.02
CA ALA A 154 -6.31 12.27 -15.91
C ALA A 154 -6.57 11.87 -17.33
N LYS A 155 -6.41 10.57 -17.57
CA LYS A 155 -6.47 9.97 -18.89
C LYS A 155 -7.81 9.43 -19.40
N ALA A 156 -8.56 8.82 -18.52
CA ALA A 156 -9.93 8.47 -18.81
C ALA A 156 -10.77 9.67 -18.62
N ASN A 157 -10.19 10.73 -18.13
CA ASN A 157 -10.97 11.90 -17.88
C ASN A 157 -12.08 11.82 -16.88
N ILE A 158 -11.81 11.12 -15.81
CA ILE A 158 -12.73 10.84 -14.70
C ILE A 158 -12.65 11.72 -13.42
N ASN A 159 -13.68 12.52 -13.18
CA ASN A 159 -13.77 13.25 -11.92
C ASN A 159 -12.80 14.44 -11.75
N VAL A 160 -12.01 14.75 -12.77
CA VAL A 160 -11.08 15.87 -12.73
C VAL A 160 -11.83 17.19 -12.70
N GLU A 161 -12.75 17.36 -13.63
CA GLU A 161 -13.58 18.57 -13.69
C GLU A 161 -14.43 18.68 -12.44
N ASN A 162 -14.91 17.54 -11.94
CA ASN A 162 -15.72 17.51 -10.73
C ASN A 162 -14.88 17.79 -9.49
N ALA A 163 -13.68 17.25 -9.46
CA ALA A 163 -12.76 17.46 -8.34
C ALA A 163 -12.53 18.95 -8.14
N PHE A 164 -12.26 19.66 -9.22
CA PHE A 164 -12.05 21.08 -9.17
C PHE A 164 -13.32 21.84 -8.82
N PHE A 165 -14.38 21.63 -9.57
CA PHE A 165 -15.62 22.31 -9.28
C PHE A 165 -16.05 22.09 -7.83
N THR A 166 -15.70 20.94 -7.27
CA THR A 166 -16.09 20.61 -5.92
C THR A 166 -15.24 21.46 -4.97
N LEU A 167 -13.94 21.47 -5.20
CA LEU A 167 -13.05 22.29 -4.40
C LEU A 167 -13.40 23.77 -4.54
N ALA A 168 -13.76 24.20 -5.74
CA ALA A 168 -14.14 25.60 -5.96
C ALA A 168 -15.41 25.92 -5.23
N ARG A 169 -16.35 25.00 -5.17
CA ARG A 169 -17.56 25.26 -4.40
C ARG A 169 -17.18 25.40 -2.95
N ASP A 170 -16.28 24.54 -2.49
CA ASP A 170 -15.91 24.55 -1.09
C ASP A 170 -15.21 25.86 -0.69
N ILE A 171 -14.43 26.44 -1.59
CA ILE A 171 -13.75 27.70 -1.35
C ILE A 171 -14.79 28.79 -1.27
N LYS A 172 -15.68 28.86 -2.25
CA LYS A 172 -16.66 29.92 -2.32
C LYS A 172 -17.60 29.84 -1.15
N ALA A 173 -18.13 28.67 -0.84
CA ALA A 173 -19.10 28.59 0.27
C ALA A 173 -18.51 29.15 1.54
N LYS A 174 -17.23 28.90 1.76
CA LYS A 174 -16.52 29.43 2.91
C LYS A 174 -16.47 30.97 2.87
N MET A 175 -16.16 31.54 1.70
CA MET A 175 -16.03 32.99 1.57
C MET A 175 -17.37 33.68 1.61
N ASP A 176 -18.39 33.07 1.04
CA ASP A 176 -19.70 33.69 1.11
C ASP A 176 -20.18 33.76 2.55
N LYS A 177 -19.62 32.90 3.41
CA LYS A 177 -19.97 32.87 4.83
C LYS A 177 -19.52 34.16 5.51
N LYS A 178 -18.30 34.62 5.20
CA LYS A 178 -17.87 35.99 5.53
C LYS A 178 -18.46 36.99 4.50
N LEU A 179 -19.80 36.95 4.40
CA LEU A 179 -20.63 37.70 3.43
C LEU A 179 -19.98 38.92 2.78
N LYS B 5 14.30 -43.95 18.03
CA LYS B 5 15.37 -43.01 18.45
C LYS B 5 15.05 -41.56 18.02
N THR B 6 16.11 -40.76 17.89
CA THR B 6 16.05 -39.34 17.47
C THR B 6 15.11 -39.10 16.26
N TYR B 7 14.30 -38.02 16.24
CA TYR B 7 14.34 -36.77 17.08
C TYR B 7 14.10 -36.77 18.61
N ASP B 8 14.34 -35.61 19.23
CA ASP B 8 13.90 -35.36 20.61
C ASP B 8 13.01 -34.10 20.83
N TYR B 9 12.57 -33.47 19.74
CA TYR B 9 11.43 -32.49 19.76
C TYR B 9 10.61 -32.57 18.44
N LEU B 10 9.31 -32.25 18.48
CA LEU B 10 8.48 -32.20 17.25
C LEU B 10 7.42 -31.07 17.15
N PHE B 11 7.84 -29.87 16.77
CA PHE B 11 6.90 -28.75 16.65
C PHE B 11 6.15 -28.78 15.33
N LYS B 12 4.85 -28.47 15.40
CA LYS B 12 3.99 -28.35 14.23
C LYS B 12 3.84 -26.89 13.77
N LEU B 13 4.09 -26.61 12.51
CA LEU B 13 4.09 -25.25 12.00
C LEU B 13 3.09 -25.07 10.89
N LEU B 14 2.58 -23.85 10.73
CA LEU B 14 1.60 -23.56 9.67
C LEU B 14 1.92 -22.31 8.89
N LEU B 15 1.93 -22.44 7.55
CA LEU B 15 1.93 -21.30 6.63
C LEU B 15 0.51 -21.00 6.16
N ILE B 16 0.16 -19.73 6.15
CA ILE B 16 -1.18 -19.25 6.02
C ILE B 16 -1.00 -17.85 5.38
N GLY B 17 -1.78 -17.56 4.34
CA GLY B 17 -1.50 -16.42 3.47
C GLY B 17 -2.33 -16.35 2.18
N ASP B 18 -2.46 -15.15 1.66
CA ASP B 18 -3.01 -14.96 0.35
C ASP B 18 -2.23 -15.73 -0.63
N SER B 19 -2.91 -16.12 -1.69
CA SER B 19 -2.37 -17.06 -2.63
C SER B 19 -1.32 -16.34 -3.38
N GLY B 20 -0.26 -17.00 -3.80
CA GLY B 20 0.70 -16.32 -4.64
C GLY B 20 1.69 -15.48 -3.85
N VAL B 21 1.34 -15.21 -2.60
CA VAL B 21 2.29 -14.58 -1.72
C VAL B 21 3.66 -15.29 -1.81
N GLY B 22 3.66 -16.58 -2.09
CA GLY B 22 4.91 -17.35 -2.12
C GLY B 22 5.14 -18.04 -0.78
N LYS B 23 4.07 -18.42 -0.09
CA LYS B 23 4.19 -19.29 1.04
C LYS B 23 5.02 -20.51 0.59
N THR B 24 4.52 -21.19 -0.43
CA THR B 24 5.06 -22.46 -0.77
C THR B 24 6.55 -22.38 -1.08
N CYS B 25 7.03 -21.40 -1.80
CA CYS B 25 8.46 -21.34 -2.09
C CYS B 25 9.36 -21.06 -0.89
N VAL B 26 8.85 -20.39 0.12
CA VAL B 26 9.54 -20.18 1.33
C VAL B 26 9.67 -21.56 1.82
N LEU B 27 8.58 -22.28 1.80
CA LEU B 27 8.57 -23.60 2.39
C LEU B 27 9.44 -24.60 1.65
N PHE B 28 9.49 -24.49 0.33
CA PHE B 28 10.30 -25.39 -0.49
C PHE B 28 11.78 -25.07 -0.34
N ARG B 29 12.08 -23.83 0.07
CA ARG B 29 13.46 -23.40 0.26
C ARG B 29 13.99 -23.86 1.62
N PHE B 30 13.11 -23.88 2.61
CA PHE B 30 13.48 -24.30 3.95
C PHE B 30 13.67 -25.82 4.02
N SER B 31 12.73 -26.55 3.46
CA SER B 31 12.80 -27.99 3.44
C SER B 31 13.86 -28.50 2.48
N GLU B 32 14.39 -27.65 1.62
CA GLU B 32 15.54 -28.01 0.80
C GLU B 32 15.28 -28.92 -0.40
N ASP B 33 14.10 -28.85 -0.97
CA ASP B 33 13.69 -29.71 -2.09
C ASP B 33 14.48 -29.26 -3.29
N ALA B 34 14.78 -30.19 -4.18
CA ALA B 34 15.51 -29.90 -5.45
C ALA B 34 14.55 -29.48 -6.55
N PHE B 35 13.26 -29.52 -6.23
CA PHE B 35 12.20 -29.50 -7.20
C PHE B 35 11.01 -28.63 -6.77
N ASN B 36 10.15 -28.46 -7.76
CA ASN B 36 9.11 -27.47 -7.83
C ASN B 36 7.76 -28.09 -7.57
N SER B 37 7.68 -29.42 -7.65
CA SER B 37 6.40 -30.07 -7.79
C SER B 37 5.65 -29.92 -6.49
N THR B 38 4.38 -29.49 -6.56
CA THR B 38 3.67 -28.99 -5.39
C THR B 38 2.18 -29.25 -5.52
N PHE B 39 1.45 -29.19 -4.42
CA PHE B 39 0.02 -29.49 -4.43
C PHE B 39 -0.73 -28.34 -3.90
N ILE B 40 -0.09 -27.18 -3.85
CA ILE B 40 -0.74 -25.98 -3.32
C ILE B 40 -1.69 -25.37 -4.35
N SER B 41 -1.40 -25.55 -5.63
CA SER B 41 -2.23 -24.99 -6.70
C SER B 41 -3.47 -25.83 -6.95
N THR B 42 -3.27 -27.15 -7.10
CA THR B 42 -4.35 -28.10 -7.44
C THR B 42 -5.11 -28.51 -6.21
N ILE B 43 -4.45 -28.92 -5.16
CA ILE B 43 -5.18 -29.34 -3.98
C ILE B 43 -5.41 -28.22 -2.95
N GLY B 44 -4.52 -27.22 -2.92
CA GLY B 44 -4.63 -26.17 -1.92
C GLY B 44 -4.10 -26.48 -0.53
N ILE B 45 -3.55 -27.67 -0.34
CA ILE B 45 -2.79 -27.97 0.87
C ILE B 45 -1.48 -28.58 0.45
N ASP B 46 -0.42 -28.33 1.23
CA ASP B 46 0.83 -29.00 0.99
C ASP B 46 1.58 -29.10 2.27
N PHE B 47 2.62 -29.94 2.26
CA PHE B 47 3.23 -30.44 3.48
C PHE B 47 4.67 -30.78 3.30
N LYS B 48 5.48 -30.39 4.26
CA LYS B 48 6.89 -30.71 4.15
C LYS B 48 7.47 -30.91 5.57
N ILE B 49 8.42 -31.82 5.77
CA ILE B 49 9.06 -31.98 7.10
C ILE B 49 10.50 -31.54 7.10
N ARG B 50 10.98 -30.92 8.15
CA ARG B 50 12.43 -30.80 8.24
C ARG B 50 12.86 -30.88 9.68
N THR B 51 14.05 -31.43 9.88
CA THR B 51 14.64 -31.54 11.20
C THR B 51 15.86 -30.65 11.32
N ILE B 52 16.04 -30.07 12.49
CA ILE B 52 17.20 -29.25 12.66
C ILE B 52 17.70 -29.25 14.08
N GLU B 53 18.94 -28.79 14.28
CA GLU B 53 19.52 -28.74 15.63
C GLU B 53 19.54 -27.32 16.25
N LEU B 54 19.01 -27.24 17.48
CA LEU B 54 18.95 -26.02 18.26
C LEU B 54 19.46 -26.26 19.68
N ASP B 55 20.62 -25.67 20.02
CA ASP B 55 21.27 -25.88 21.31
C ASP B 55 21.46 -27.36 21.59
N GLY B 56 21.84 -28.08 20.54
CA GLY B 56 22.14 -29.49 20.65
C GLY B 56 20.98 -30.42 20.36
N LYS B 57 19.78 -30.01 20.75
CA LYS B 57 18.61 -30.84 20.56
C LYS B 57 18.15 -30.94 19.07
N ARG B 58 17.92 -32.16 18.60
CA ARG B 58 17.29 -32.43 17.31
C ARG B 58 15.77 -32.27 17.44
N ILE B 59 15.22 -31.53 16.48
CA ILE B 59 13.86 -31.00 16.53
C ILE B 59 13.23 -31.12 15.14
N LYS B 60 12.19 -31.98 15.03
CA LYS B 60 11.46 -32.23 13.77
C LYS B 60 10.34 -31.23 13.65
N LEU B 61 10.32 -30.57 12.50
CA LEU B 61 9.30 -29.63 12.14
C LEU B 61 8.37 -30.28 11.12
N GLN B 62 7.09 -30.29 11.43
CA GLN B 62 6.11 -30.64 10.44
C GLN B 62 5.38 -29.39 10.02
N ILE B 63 5.45 -29.08 8.74
CA ILE B 63 5.00 -27.80 8.23
C ILE B 63 3.86 -27.99 7.24
N TRP B 64 2.73 -27.34 7.48
CA TRP B 64 1.55 -27.43 6.63
C TRP B 64 1.36 -26.14 5.87
N ASP B 65 1.07 -26.22 4.58
CA ASP B 65 0.94 -25.03 3.76
C ASP B 65 -0.48 -25.00 3.28
N THR B 66 -1.22 -24.08 3.86
CA THR B 66 -2.64 -24.04 3.68
C THR B 66 -2.93 -22.91 2.75
N ALA B 67 -3.98 -23.09 1.94
CA ALA B 67 -4.27 -22.15 0.88
C ALA B 67 -5.72 -21.77 0.85
N GLY B 68 -6.36 -21.84 2.00
CA GLY B 68 -7.77 -21.61 2.17
C GLY B 68 -8.90 -22.36 1.52
N GLN B 69 -8.69 -23.22 0.53
CA GLN B 69 -9.90 -23.52 -0.26
C GLN B 69 -10.82 -24.02 0.83
N GLU B 70 -12.06 -23.53 0.75
CA GLU B 70 -13.28 -24.03 1.45
C GLU B 70 -13.63 -25.52 1.27
N ARG B 71 -13.03 -26.11 0.08
CA ARG B 71 -13.17 -27.54 -0.22
C ARG B 71 -12.86 -28.51 0.93
N PHE B 72 -11.77 -28.21 1.63
CA PHE B 72 -11.29 -28.97 2.78
C PHE B 72 -11.39 -28.22 4.10
N ARG B 73 -12.44 -27.41 4.24
CA ARG B 73 -12.52 -26.49 5.37
C ARG B 73 -12.21 -27.08 6.73
N THR B 74 -12.80 -28.24 6.95
CA THR B 74 -12.65 -28.97 8.21
C THR B 74 -11.25 -29.42 8.58
N ILE B 75 -10.60 -30.06 7.63
CA ILE B 75 -9.23 -30.59 7.73
C ILE B 75 -8.29 -29.44 8.06
N THR B 76 -8.34 -28.38 7.24
CA THR B 76 -7.45 -27.26 7.50
C THR B 76 -7.74 -26.58 8.86
N THR B 77 -9.07 -26.39 9.18
CA THR B 77 -9.30 -25.92 10.56
C THR B 77 -8.47 -26.72 11.52
N ALA B 78 -8.51 -28.04 11.35
CA ALA B 78 -7.81 -28.92 12.25
C ALA B 78 -6.32 -28.66 12.23
N TYR B 79 -5.75 -28.25 11.08
CA TYR B 79 -4.33 -27.87 11.04
C TYR B 79 -4.12 -26.60 11.84
N TYR B 80 -5.12 -25.71 11.81
CA TYR B 80 -5.04 -24.50 12.60
C TYR B 80 -5.02 -24.95 14.04
N ARG B 81 -6.12 -25.58 14.45
CA ARG B 81 -6.32 -25.96 15.85
C ARG B 81 -5.07 -26.58 16.50
N GLY B 82 -4.28 -27.34 15.75
CA GLY B 82 -3.11 -28.02 16.29
C GLY B 82 -1.72 -27.54 15.91
N ALA B 83 -1.57 -26.27 15.54
CA ALA B 83 -0.23 -25.73 15.26
C ALA B 83 0.44 -25.07 16.49
N MET B 84 1.74 -25.25 16.59
CA MET B 84 2.53 -24.62 17.64
C MET B 84 2.65 -23.20 17.12
N GLY B 85 3.10 -23.02 15.89
CA GLY B 85 3.51 -21.67 15.46
C GLY B 85 3.18 -21.48 14.00
N ILE B 86 2.26 -20.54 13.74
CA ILE B 86 1.83 -20.24 12.37
C ILE B 86 2.52 -18.94 11.82
N MET B 87 3.00 -18.96 10.58
CA MET B 87 3.60 -17.77 9.93
C MET B 87 2.57 -17.18 8.98
N LEU B 88 2.24 -15.89 9.13
CA LEU B 88 1.30 -15.23 8.26
C LEU B 88 2.10 -14.60 7.17
N VAL B 89 1.86 -14.97 5.92
CA VAL B 89 2.79 -14.55 4.87
C VAL B 89 2.16 -13.59 3.87
N TYR B 90 2.87 -12.50 3.57
CA TYR B 90 2.45 -11.60 2.51
C TYR B 90 3.56 -11.27 1.56
N ASP B 91 3.18 -10.64 0.45
CA ASP B 91 4.11 -10.20 -0.57
C ASP B 91 4.25 -8.70 -0.59
N ILE B 92 5.46 -8.19 -0.42
CA ILE B 92 5.69 -6.74 -0.40
C ILE B 92 5.50 -6.07 -1.74
N THR B 93 5.42 -6.88 -2.79
CA THR B 93 4.95 -6.49 -4.11
C THR B 93 3.43 -6.19 -4.26
N ASN B 94 2.66 -6.42 -3.20
CA ASN B 94 1.23 -6.42 -3.33
C ASN B 94 0.56 -5.88 -2.09
N GLU B 95 -0.19 -4.81 -2.20
CA GLU B 95 -0.80 -4.22 -1.02
C GLU B 95 -1.87 -5.08 -0.44
N LYS B 96 -2.79 -5.62 -1.24
CA LYS B 96 -3.88 -6.34 -0.59
C LYS B 96 -3.37 -7.57 0.12
N SER B 97 -2.31 -8.14 -0.42
CA SER B 97 -1.72 -9.26 0.23
C SER B 97 -1.39 -8.77 1.64
N PHE B 98 -0.91 -7.54 1.74
CA PHE B 98 -0.57 -6.96 3.04
C PHE B 98 -1.78 -6.46 3.80
N ASP B 99 -2.75 -5.93 3.10
CA ASP B 99 -3.89 -5.40 3.79
C ASP B 99 -4.53 -6.56 4.49
N ASN B 100 -4.53 -7.73 3.84
CA ASN B 100 -5.27 -8.87 4.36
C ASN B 100 -4.63 -9.57 5.53
N ILE B 101 -3.35 -9.36 5.74
CA ILE B 101 -2.70 -9.93 6.90
C ILE B 101 -3.69 -9.84 8.07
N ARG B 102 -4.34 -8.73 8.27
CA ARG B 102 -5.31 -8.62 9.35
C ARG B 102 -6.41 -9.63 9.28
N ASN B 103 -6.95 -9.88 8.10
CA ASN B 103 -7.97 -10.91 7.95
C ASN B 103 -7.51 -12.31 8.35
N TRP B 104 -6.22 -12.59 8.22
CA TRP B 104 -5.68 -13.85 8.67
C TRP B 104 -5.54 -13.84 10.18
N ILE B 105 -4.92 -12.82 10.73
CA ILE B 105 -4.77 -12.69 12.19
C ILE B 105 -6.08 -12.98 12.92
N ARG B 106 -7.19 -12.59 12.32
CA ARG B 106 -8.50 -13.05 12.75
C ARG B 106 -8.49 -14.54 12.80
N ASN B 107 -8.43 -15.17 11.65
CA ASN B 107 -8.54 -16.60 11.61
C ASN B 107 -7.68 -17.20 12.69
N ILE B 108 -6.46 -16.75 12.74
CA ILE B 108 -5.50 -17.38 13.63
C ILE B 108 -6.06 -17.30 15.04
N GLU B 109 -6.57 -16.13 15.37
CA GLU B 109 -7.14 -15.88 16.69
C GLU B 109 -8.44 -16.66 16.86
N GLU B 110 -9.14 -16.77 15.75
CA GLU B 110 -10.44 -17.35 15.64
C GLU B 110 -10.39 -18.84 15.69
N HIS B 111 -9.73 -19.41 14.71
CA HIS B 111 -9.61 -20.87 14.47
C HIS B 111 -8.49 -21.59 15.22
N ALA B 112 -7.46 -20.87 15.64
CA ALA B 112 -6.27 -21.51 16.19
C ALA B 112 -6.20 -21.41 17.68
N SER B 113 -5.09 -21.79 18.35
CA SER B 113 -5.04 -21.85 19.86
C SER B 113 -4.65 -20.57 20.68
N ALA B 114 -4.75 -20.52 22.04
CA ALA B 114 -4.76 -19.20 22.66
C ALA B 114 -3.35 -18.71 22.90
N ASP B 115 -2.38 -19.62 22.87
CA ASP B 115 -0.96 -19.23 23.11
C ASP B 115 -0.07 -19.38 21.86
N VAL B 116 -0.66 -19.70 20.72
CA VAL B 116 0.15 -20.03 19.54
C VAL B 116 1.24 -18.97 19.30
N GLU B 117 2.38 -19.41 18.83
CA GLU B 117 3.41 -18.49 18.38
C GLU B 117 3.15 -18.09 16.97
N LYS B 118 3.10 -16.65 16.88
CA LYS B 118 2.79 -16.14 15.53
C LYS B 118 4.00 -15.41 14.99
N MET B 119 4.12 -15.33 13.68
CA MET B 119 5.21 -14.54 13.09
C MET B 119 4.74 -13.93 11.75
N ILE B 120 5.16 -12.71 11.41
CA ILE B 120 4.76 -12.16 10.12
C ILE B 120 5.90 -12.14 9.08
N LEU B 121 5.60 -12.59 7.87
CA LEU B 121 6.63 -12.70 6.83
C LEU B 121 6.36 -11.88 5.56
N GLY B 122 7.09 -10.77 5.43
CA GLY B 122 7.08 -9.99 4.20
C GLY B 122 7.96 -10.70 3.18
N ASN B 123 7.32 -11.43 2.29
CA ASN B 123 8.10 -12.22 1.34
C ASN B 123 8.36 -11.41 0.10
N LYS B 124 9.28 -11.87 -0.72
CA LYS B 124 9.79 -11.13 -1.91
C LYS B 124 10.69 -9.86 -1.66
N CYS B 125 11.28 -9.72 -0.47
CA CYS B 125 12.19 -8.57 -0.24
C CYS B 125 13.14 -8.47 -1.41
N ASP B 126 13.45 -9.62 -1.95
CA ASP B 126 14.37 -9.74 -3.05
C ASP B 126 14.00 -8.91 -4.24
N VAL B 127 12.74 -8.56 -4.36
CA VAL B 127 12.26 -7.89 -5.59
C VAL B 127 11.91 -6.52 -4.98
N ASN B 128 12.78 -5.55 -5.22
CA ASN B 128 12.80 -4.28 -4.45
C ASN B 128 12.24 -3.18 -5.33
N ASP B 129 12.37 -3.36 -6.64
CA ASP B 129 11.87 -2.40 -7.61
C ASP B 129 10.35 -2.51 -7.85
N LYS B 130 9.69 -3.49 -7.27
CA LYS B 130 8.24 -3.56 -7.44
C LYS B 130 7.57 -3.43 -6.08
N ARG B 131 8.33 -2.83 -5.17
CA ARG B 131 7.94 -2.80 -3.79
C ARG B 131 6.70 -1.97 -3.63
N GLN B 132 5.88 -2.34 -2.67
CA GLN B 132 4.77 -1.52 -2.26
C GLN B 132 4.60 -1.45 -0.75
N VAL B 133 5.00 -2.50 -0.03
CA VAL B 133 4.87 -2.45 1.41
C VAL B 133 6.27 -2.12 1.93
N SER B 134 6.33 -1.14 2.80
CA SER B 134 7.59 -0.61 3.27
C SER B 134 7.87 -1.41 4.49
N LYS B 135 9.11 -1.83 4.67
CA LYS B 135 9.46 -2.61 5.83
C LYS B 135 8.92 -2.03 7.14
N GLU B 136 9.03 -0.72 7.35
CA GLU B 136 8.63 -0.19 8.67
C GLU B 136 7.16 -0.45 8.92
N ARG B 137 6.42 -0.52 7.84
CA ARG B 137 4.99 -0.56 7.90
C ARG B 137 4.57 -1.96 8.23
N GLY B 138 5.28 -2.93 7.69
CA GLY B 138 5.13 -4.32 8.09
C GLY B 138 5.46 -4.41 9.57
N GLU B 139 6.64 -3.89 9.92
CA GLU B 139 7.13 -3.81 11.31
C GLU B 139 6.14 -3.21 12.32
N LYS B 140 5.51 -2.12 11.95
CA LYS B 140 4.50 -1.53 12.81
C LYS B 140 3.36 -2.55 12.98
N LEU B 141 2.85 -3.06 11.87
CA LEU B 141 1.77 -4.04 11.92
C LEU B 141 2.15 -5.10 12.91
N ALA B 142 3.37 -5.59 12.78
CA ALA B 142 3.85 -6.68 13.59
C ALA B 142 3.74 -6.23 15.03
N LEU B 143 4.50 -5.20 15.42
CA LEU B 143 4.48 -4.69 16.79
C LEU B 143 3.07 -4.37 17.30
N ASP B 144 2.18 -4.02 16.40
CA ASP B 144 0.79 -3.78 16.76
C ASP B 144 0.14 -4.99 17.41
N TYR B 145 0.55 -6.19 16.98
CA TYR B 145 0.01 -7.43 17.55
C TYR B 145 0.97 -8.15 18.46
N GLY B 146 2.18 -7.63 18.55
CA GLY B 146 3.19 -8.18 19.43
C GLY B 146 3.74 -9.47 18.86
N ILE B 147 4.13 -9.42 17.60
CA ILE B 147 4.46 -10.67 16.98
C ILE B 147 5.58 -10.43 16.05
N LYS B 148 6.47 -11.35 16.03
CA LYS B 148 7.71 -11.11 15.35
C LYS B 148 7.49 -10.87 13.86
N PHE B 149 8.46 -10.23 13.24
CA PHE B 149 8.41 -10.02 11.82
C PHE B 149 9.79 -10.14 11.20
N MET B 150 9.83 -10.57 9.96
CA MET B 150 10.99 -10.45 9.10
C MET B 150 10.54 -10.25 7.66
N GLU B 151 11.49 -9.90 6.82
CA GLU B 151 11.23 -9.87 5.40
C GLU B 151 12.04 -10.95 4.86
N THR B 152 11.73 -11.39 3.65
CA THR B 152 12.01 -12.75 3.31
C THR B 152 11.97 -12.95 1.83
N SER B 153 12.92 -13.68 1.16
CA SER B 153 12.91 -13.87 -0.28
C SER B 153 12.97 -15.35 -0.65
N ALA B 154 11.95 -16.01 -1.13
CA ALA B 154 12.12 -17.44 -1.27
C ALA B 154 13.17 -17.73 -2.32
N LYS B 155 13.32 -16.76 -3.21
CA LYS B 155 14.18 -16.86 -4.39
C LYS B 155 15.62 -16.40 -4.29
N ALA B 156 15.86 -15.32 -3.58
CA ALA B 156 17.19 -14.91 -3.24
C ALA B 156 17.63 -15.70 -2.06
N ASN B 157 16.74 -16.48 -1.51
CA ASN B 157 17.10 -17.23 -0.35
C ASN B 157 17.49 -16.50 0.89
N ILE B 158 16.77 -15.43 1.14
CA ILE B 158 16.96 -14.49 2.26
C ILE B 158 16.09 -14.64 3.53
N ASN B 159 16.70 -15.02 4.64
CA ASN B 159 16.00 -15.04 5.91
C ASN B 159 14.94 -16.16 6.10
N VAL B 160 14.80 -17.06 5.13
CA VAL B 160 13.86 -18.15 5.22
C VAL B 160 14.30 -19.14 6.29
N GLU B 161 15.55 -19.57 6.23
CA GLU B 161 16.10 -20.49 7.21
C GLU B 161 16.12 -19.84 8.59
N ASN B 162 16.39 -18.53 8.62
CA ASN B 162 16.41 -17.78 9.86
C ASN B 162 15.00 -17.59 10.41
N ALA B 163 14.09 -17.25 9.65
CA ALA B 163 12.68 -17.04 10.05
C ALA B 163 12.12 -18.25 10.78
N PHE B 164 12.49 -19.43 10.32
CA PHE B 164 11.99 -20.68 10.90
C PHE B 164 12.69 -21.02 12.22
N PHE B 165 14.00 -20.87 12.21
CA PHE B 165 14.71 -21.19 13.39
C PHE B 165 14.21 -20.28 14.46
N THR B 166 14.14 -19.00 14.15
CA THR B 166 13.63 -18.01 15.05
C THR B 166 12.30 -18.43 15.57
N LEU B 167 11.39 -18.80 14.69
CA LEU B 167 10.12 -19.28 15.17
C LEU B 167 10.30 -20.56 15.99
N ALA B 168 11.20 -21.43 15.57
CA ALA B 168 11.45 -22.68 16.31
C ALA B 168 12.07 -22.37 17.64
N ARG B 169 12.93 -21.38 17.73
CA ARG B 169 13.48 -21.03 19.02
C ARG B 169 12.36 -20.52 19.89
N ASP B 170 11.47 -19.73 19.32
CA ASP B 170 10.39 -19.14 20.09
C ASP B 170 9.44 -20.20 20.64
N ILE B 171 9.21 -21.27 19.88
CA ILE B 171 8.35 -22.36 20.32
C ILE B 171 9.03 -23.07 21.47
N LYS B 172 10.29 -23.44 21.28
CA LYS B 172 11.00 -24.20 22.28
C LYS B 172 11.15 -23.41 23.55
N ALA B 173 11.57 -22.16 23.46
CA ALA B 173 11.79 -21.39 24.70
C ALA B 173 10.54 -21.37 25.55
N LYS B 174 9.39 -21.44 24.89
CA LYS B 174 8.15 -21.61 25.58
C LYS B 174 8.18 -22.90 26.34
N MET B 175 8.51 -23.98 25.66
CA MET B 175 8.35 -25.33 26.20
C MET B 175 9.25 -25.65 27.38
N ASP B 176 10.49 -25.18 27.32
CA ASP B 176 11.42 -25.38 28.40
C ASP B 176 11.03 -24.59 29.65
N LYS B 177 10.24 -23.54 29.48
CA LYS B 177 9.80 -22.71 30.58
C LYS B 177 8.86 -23.48 31.51
N LYS B 178 8.19 -24.48 30.96
CA LYS B 178 7.27 -25.29 31.73
C LYS B 178 7.88 -26.64 32.10
N LEU B 179 9.21 -26.70 32.05
CA LEU B 179 9.93 -27.92 32.38
C LEU B 179 9.02 -29.14 32.29
N GLY C 3 -45.53 -15.66 42.16
CA GLY C 3 -44.71 -16.18 41.10
C GLY C 3 -43.22 -16.10 41.42
N TYR C 4 -42.84 -16.61 42.58
CA TYR C 4 -41.44 -16.59 43.00
C TYR C 4 -41.05 -17.90 43.69
N GLU C 5 -41.97 -18.87 43.67
CA GLU C 5 -41.73 -20.17 44.29
C GLU C 5 -40.92 -21.07 43.36
N ARG C 6 -41.38 -21.20 42.12
CA ARG C 6 -40.72 -22.04 41.13
C ARG C 6 -39.56 -21.28 40.47
N LEU C 7 -39.66 -19.97 40.45
CA LEU C 7 -38.61 -19.12 39.83
C LEU C 7 -37.29 -19.20 40.60
N LYS C 8 -37.36 -19.62 41.87
CA LYS C 8 -36.16 -19.98 42.64
C LYS C 8 -35.76 -21.45 42.42
N GLU C 9 -36.75 -22.30 42.12
CA GLU C 9 -36.50 -23.71 41.81
C GLU C 9 -35.87 -23.90 40.43
N GLU C 10 -36.24 -23.03 39.48
CA GLU C 10 -35.76 -23.13 38.09
C GLU C 10 -34.28 -22.76 37.91
N LEU C 11 -33.85 -21.67 38.54
CA LEU C 11 -32.46 -21.18 38.41
C LEU C 11 -31.42 -22.11 39.05
N ALA C 12 -31.83 -22.85 40.08
CA ALA C 12 -30.98 -23.88 40.70
C ALA C 12 -31.06 -25.22 39.94
N LYS C 13 -32.22 -25.50 39.32
CA LYS C 13 -32.44 -26.73 38.52
C LYS C 13 -31.93 -26.59 37.08
N ALA C 14 -32.19 -25.43 36.47
CA ALA C 14 -31.72 -25.14 35.11
C ALA C 14 -30.26 -24.71 35.08
N GLN C 15 -29.76 -24.10 36.15
CA GLN C 15 -28.31 -23.89 36.28
C GLN C 15 -27.60 -25.25 36.29
N ARG C 16 -28.35 -26.30 36.67
CA ARG C 16 -27.86 -27.69 36.66
C ARG C 16 -27.98 -28.36 35.27
N GLU C 17 -28.91 -27.90 34.44
CA GLU C 17 -29.06 -28.42 33.07
C GLU C 17 -27.97 -27.87 32.13
N LEU C 18 -27.65 -26.58 32.26
CA LEU C 18 -26.59 -25.94 31.47
C LEU C 18 -25.17 -26.41 31.84
N LYS C 19 -24.96 -26.77 33.11
CA LYS C 19 -23.71 -27.42 33.54
C LYS C 19 -23.70 -28.93 33.23
N LEU C 20 -24.86 -29.47 32.81
CA LEU C 20 -24.94 -30.84 32.32
C LEU C 20 -24.51 -30.89 30.85
N LYS C 21 -25.10 -30.01 30.03
CA LYS C 21 -24.76 -29.89 28.62
C LYS C 21 -23.60 -28.90 28.33
N ASP C 22 -22.98 -28.32 29.35
CA ASP C 22 -21.68 -27.65 29.19
C ASP C 22 -20.57 -28.56 29.69
N GLU C 23 -20.98 -29.73 30.19
CA GLU C 23 -20.08 -30.84 30.51
C GLU C 23 -19.87 -31.71 29.27
N GLU C 24 -20.91 -31.82 28.46
CA GLU C 24 -20.85 -32.62 27.24
C GLU C 24 -19.95 -31.95 26.20
N CYS C 25 -19.97 -30.62 26.16
CA CYS C 25 -19.16 -29.86 25.23
C CYS C 25 -17.67 -30.01 25.55
N GLU C 26 -17.32 -29.74 26.81
CA GLU C 26 -15.95 -29.85 27.26
C GLU C 26 -15.35 -31.20 26.88
N ARG C 27 -16.18 -32.23 26.90
CA ARG C 27 -15.74 -33.58 26.55
C ARG C 27 -15.83 -33.82 25.05
N LEU C 28 -16.86 -33.24 24.43
CA LEU C 28 -17.05 -33.38 22.99
C LEU C 28 -15.89 -32.76 22.21
N SER C 29 -15.56 -31.51 22.54
CA SER C 29 -14.47 -30.81 21.88
C SER C 29 -13.21 -31.68 21.85
N LYS C 30 -12.84 -32.22 22.99
CA LYS C 30 -11.66 -33.07 23.10
C LYS C 30 -11.76 -34.29 22.18
N VAL C 31 -12.98 -34.72 21.85
CA VAL C 31 -13.20 -35.73 20.81
C VAL C 31 -12.54 -35.31 19.51
N ARG C 32 -12.75 -34.05 19.12
CA ARG C 32 -12.16 -33.52 17.89
C ARG C 32 -10.66 -33.35 17.99
N ASP C 33 -10.23 -32.63 19.01
CA ASP C 33 -8.79 -32.44 19.22
C ASP C 33 -7.95 -33.74 19.01
N GLN C 34 -8.60 -34.89 19.23
CA GLN C 34 -8.01 -36.18 18.93
C GLN C 34 -8.34 -36.56 17.48
N LEU C 35 -9.59 -36.41 17.05
CA LEU C 35 -9.93 -36.61 15.64
C LEU C 35 -9.18 -35.68 14.70
N GLY C 36 -8.59 -34.63 15.25
CA GLY C 36 -7.74 -33.75 14.47
C GLY C 36 -6.39 -34.38 14.27
N GLN C 37 -5.72 -34.77 15.35
CA GLN C 37 -4.36 -35.30 15.24
C GLN C 37 -4.33 -36.59 14.46
N GLU C 38 -5.40 -37.37 14.55
CA GLU C 38 -5.49 -38.54 13.69
C GLU C 38 -5.42 -38.07 12.21
N LEU C 39 -6.40 -37.28 11.80
CA LEU C 39 -6.43 -36.67 10.45
C LEU C 39 -5.14 -35.92 10.11
N GLU C 40 -4.47 -35.35 11.10
CA GLU C 40 -3.26 -34.62 10.84
C GLU C 40 -2.17 -35.62 10.54
N GLU C 41 -2.01 -36.64 11.39
CA GLU C 41 -0.93 -37.65 11.24
C GLU C 41 -1.05 -38.56 10.02
N LEU C 42 -2.28 -38.99 9.72
CA LEU C 42 -2.57 -39.80 8.53
C LEU C 42 -2.14 -39.09 7.27
N THR C 43 -2.64 -37.87 7.12
CA THR C 43 -2.42 -37.09 5.93
C THR C 43 -0.98 -36.65 5.83
N ALA C 44 -0.29 -36.42 6.94
CA ALA C 44 1.11 -36.07 6.80
C ALA C 44 1.86 -37.21 6.10
N SER C 45 1.41 -38.45 6.31
CA SER C 45 2.01 -39.64 5.66
C SER C 45 1.75 -39.72 4.16
N LEU C 46 0.52 -39.38 3.78
CA LEU C 46 0.12 -39.34 2.40
C LEU C 46 0.94 -38.31 1.63
N PHE C 47 1.03 -37.12 2.17
CA PHE C 47 1.78 -36.07 1.54
C PHE C 47 3.23 -36.42 1.43
N GLU C 48 3.82 -37.04 2.47
CA GLU C 48 5.19 -37.57 2.41
C GLU C 48 5.45 -38.57 1.28
N GLU C 49 4.50 -39.49 1.08
CA GLU C 49 4.69 -40.62 0.16
C GLU C 49 4.41 -40.17 -1.21
N ALA C 50 3.24 -39.56 -1.42
CA ALA C 50 2.94 -38.89 -2.69
C ALA C 50 4.14 -38.11 -3.14
N HIS C 51 4.75 -37.33 -2.26
CA HIS C 51 6.00 -36.71 -2.61
C HIS C 51 7.13 -37.74 -2.84
N LYS C 52 7.31 -38.75 -2.00
CA LYS C 52 8.39 -39.72 -2.26
C LYS C 52 8.40 -40.20 -3.71
N MET C 53 7.20 -40.53 -4.22
CA MET C 53 7.01 -41.16 -5.55
C MET C 53 7.29 -40.16 -6.60
N VAL C 54 6.64 -39.01 -6.49
CA VAL C 54 6.81 -37.94 -7.43
C VAL C 54 8.25 -37.52 -7.52
N ARG C 55 8.95 -37.43 -6.39
CA ARG C 55 10.36 -37.07 -6.37
C ARG C 55 11.18 -38.06 -7.16
N GLU C 56 10.97 -39.33 -6.91
CA GLU C 56 11.72 -40.36 -7.59
C GLU C 56 11.50 -40.31 -9.09
N ALA C 57 10.23 -40.16 -9.50
CA ALA C 57 9.84 -39.80 -10.89
C ALA C 57 10.67 -38.69 -11.46
N ASN C 58 10.96 -37.69 -10.64
CA ASN C 58 11.83 -36.56 -11.01
C ASN C 58 13.29 -36.97 -11.15
N ILE C 59 13.92 -37.35 -10.06
CA ILE C 59 15.33 -37.76 -10.07
C ILE C 59 15.77 -38.51 -11.34
N LYS C 60 14.90 -39.40 -11.83
CA LYS C 60 15.18 -40.20 -13.03
C LYS C 60 15.14 -39.35 -14.28
N GLN C 61 14.06 -38.59 -14.44
CA GLN C 61 14.00 -37.56 -15.47
C GLN C 61 15.29 -36.77 -15.48
N ALA C 62 15.67 -36.24 -14.32
CA ALA C 62 16.87 -35.42 -14.18
C ALA C 62 18.10 -36.05 -14.79
N THR C 63 18.42 -37.25 -14.34
CA THR C 63 19.61 -37.93 -14.81
C THR C 63 19.60 -38.07 -16.35
N ALA C 64 18.50 -38.61 -16.89
CA ALA C 64 18.35 -38.75 -18.34
C ALA C 64 18.49 -37.42 -19.06
N GLU C 65 17.95 -36.35 -18.46
CA GLU C 65 18.03 -35.03 -19.07
C GLU C 65 19.45 -34.46 -18.91
N LYS C 66 20.23 -34.97 -17.96
CA LYS C 66 21.65 -34.62 -17.83
C LYS C 66 22.47 -35.31 -18.88
N GLN C 67 22.21 -36.61 -19.03
CA GLN C 67 22.94 -37.41 -20.00
C GLN C 67 22.91 -36.78 -21.40
N LEU C 68 21.76 -36.32 -21.87
CA LEU C 68 21.67 -35.51 -23.10
C LEU C 68 22.70 -34.38 -23.11
N LYS C 69 22.71 -33.60 -22.03
CA LYS C 69 23.61 -32.44 -21.89
C LYS C 69 25.11 -32.84 -21.88
N GLU C 70 25.38 -34.08 -21.47
CA GLU C 70 26.73 -34.67 -21.59
C GLU C 70 27.19 -34.76 -23.07
N ALA C 71 26.28 -35.12 -23.97
CA ALA C 71 26.58 -35.23 -25.42
C ALA C 71 26.73 -33.85 -26.08
N GLN C 72 25.69 -33.02 -25.99
CA GLN C 72 25.71 -31.66 -26.54
C GLN C 72 26.78 -30.76 -25.91
N GLY C 73 27.13 -31.04 -24.64
CA GLY C 73 28.19 -30.30 -23.93
C GLY C 73 29.60 -30.59 -24.43
N LYS C 74 29.87 -31.85 -24.77
CA LYS C 74 31.18 -32.29 -25.26
C LYS C 74 31.11 -32.60 -26.76
N GLY D 3 -35.39 -10.41 43.49
CA GLY D 3 -36.75 -10.82 43.97
C GLY D 3 -37.70 -11.26 42.87
N TYR D 4 -38.37 -10.28 42.26
CA TYR D 4 -39.17 -10.53 41.04
C TYR D 4 -38.25 -10.50 39.81
N GLU D 5 -37.24 -9.64 39.85
CA GLU D 5 -36.32 -9.41 38.73
C GLU D 5 -35.24 -10.49 38.57
N ARG D 6 -34.96 -11.25 39.63
CA ARG D 6 -34.05 -12.41 39.53
C ARG D 6 -34.80 -13.63 38.97
N LEU D 7 -36.11 -13.72 39.21
CA LEU D 7 -36.97 -14.77 38.64
C LEU D 7 -37.05 -14.66 37.12
N LYS D 8 -37.10 -13.42 36.61
CA LYS D 8 -36.97 -13.13 35.18
C LYS D 8 -35.49 -13.25 34.74
N GLU D 9 -34.58 -12.69 35.54
CA GLU D 9 -33.13 -12.64 35.21
C GLU D 9 -32.43 -14.00 35.21
N GLU D 10 -32.84 -14.90 36.11
CA GLU D 10 -32.25 -16.25 36.22
C GLU D 10 -33.01 -17.33 35.41
N LEU D 11 -34.22 -17.00 34.93
CA LEU D 11 -34.92 -17.85 33.94
C LEU D 11 -34.56 -17.43 32.50
N ALA D 12 -34.01 -16.22 32.35
CA ALA D 12 -33.50 -15.73 31.06
C ALA D 12 -32.01 -16.04 30.83
N LYS D 13 -31.33 -16.57 31.85
CA LYS D 13 -29.97 -17.12 31.71
C LYS D 13 -29.99 -18.63 31.44
N ALA D 14 -31.09 -19.29 31.85
CA ALA D 14 -31.36 -20.68 31.44
C ALA D 14 -32.12 -20.69 30.12
N GLN D 15 -32.56 -19.50 29.68
CA GLN D 15 -33.00 -19.28 28.30
C GLN D 15 -31.78 -18.98 27.41
N ARG D 16 -30.96 -18.02 27.85
CA ARG D 16 -29.74 -17.59 27.13
C ARG D 16 -28.76 -18.74 26.86
N GLU D 17 -28.17 -19.34 27.91
CA GLU D 17 -27.29 -20.51 27.76
C GLU D 17 -28.07 -21.86 27.73
N LEU D 18 -29.40 -21.79 27.69
CA LEU D 18 -30.22 -22.94 27.35
C LEU D 18 -29.70 -23.48 26.03
N LYS D 19 -29.71 -22.61 25.02
CA LYS D 19 -29.32 -22.92 23.64
C LYS D 19 -27.80 -23.02 23.39
N LEU D 20 -27.01 -22.43 24.30
CA LEU D 20 -25.55 -22.52 24.25
C LEU D 20 -25.13 -23.94 23.93
N LYS D 21 -25.39 -24.86 24.85
CA LYS D 21 -25.19 -26.27 24.59
C LYS D 21 -25.96 -26.66 23.33
N ASP D 22 -27.27 -26.40 23.30
CA ASP D 22 -28.15 -26.88 22.21
C ASP D 22 -27.47 -26.86 20.86
N GLU D 23 -27.02 -25.66 20.45
CA GLU D 23 -26.42 -25.48 19.13
C GLU D 23 -25.11 -26.24 19.01
N GLU D 24 -24.28 -26.16 20.05
CA GLU D 24 -22.93 -26.73 20.05
C GLU D 24 -22.87 -28.19 19.59
N CYS D 25 -23.64 -29.06 20.23
CA CYS D 25 -23.59 -30.49 19.93
C CYS D 25 -24.23 -30.87 18.59
N GLU D 26 -25.10 -30.03 18.06
CA GLU D 26 -25.55 -30.18 16.68
C GLU D 26 -24.37 -29.86 15.75
N ARG D 27 -23.45 -29.01 16.20
CA ARG D 27 -22.23 -28.70 15.46
C ARG D 27 -21.19 -29.79 15.64
N LEU D 28 -20.76 -30.01 16.88
CA LEU D 28 -19.67 -30.94 17.14
C LEU D 28 -19.93 -32.41 16.78
N SER D 29 -21.18 -32.78 16.50
CA SER D 29 -21.44 -34.13 15.98
C SER D 29 -20.95 -34.21 14.53
N LYS D 30 -21.24 -33.15 13.76
CA LYS D 30 -20.96 -33.12 12.33
C LYS D 30 -19.46 -33.12 11.97
N VAL D 31 -18.56 -32.95 12.93
CA VAL D 31 -17.11 -32.94 12.63
C VAL D 31 -16.53 -34.32 12.25
N ARG D 32 -16.77 -35.34 13.08
CA ARG D 32 -16.27 -36.67 12.79
C ARG D 32 -16.63 -37.14 11.38
N ASP D 33 -17.85 -36.88 10.97
CA ASP D 33 -18.28 -37.29 9.65
C ASP D 33 -17.74 -36.36 8.58
N GLN D 34 -17.48 -35.10 8.93
CA GLN D 34 -16.89 -34.13 7.99
C GLN D 34 -15.43 -34.41 7.77
N LEU D 35 -14.72 -34.58 8.86
CA LEU D 35 -13.33 -34.88 8.78
C LEU D 35 -13.10 -36.13 7.90
N GLY D 36 -14.02 -37.10 7.96
CA GLY D 36 -13.93 -38.35 7.20
C GLY D 36 -14.26 -38.15 5.74
N GLN D 37 -15.30 -37.38 5.47
CA GLN D 37 -15.68 -37.07 4.09
C GLN D 37 -14.58 -36.27 3.39
N GLU D 38 -13.91 -35.37 4.14
CA GLU D 38 -12.80 -34.58 3.57
C GLU D 38 -11.55 -35.45 3.38
N LEU D 39 -11.07 -36.12 4.41
CA LEU D 39 -9.94 -37.05 4.24
C LEU D 39 -10.12 -37.89 3.01
N GLU D 40 -11.33 -38.38 2.83
CA GLU D 40 -11.66 -39.30 1.78
C GLU D 40 -11.48 -38.65 0.42
N GLU D 41 -11.93 -37.41 0.29
CA GLU D 41 -11.81 -36.73 -0.98
C GLU D 41 -10.38 -36.27 -1.17
N LEU D 42 -9.73 -35.86 -0.09
CA LEU D 42 -8.38 -35.32 -0.19
C LEU D 42 -7.47 -36.41 -0.71
N THR D 43 -7.66 -37.62 -0.19
CA THR D 43 -6.82 -38.73 -0.59
C THR D 43 -7.05 -38.99 -2.04
N ALA D 44 -8.30 -39.07 -2.47
CA ALA D 44 -8.54 -39.35 -3.86
C ALA D 44 -7.80 -38.35 -4.70
N SER D 45 -7.73 -37.08 -4.30
CA SER D 45 -7.00 -36.05 -5.10
C SER D 45 -5.53 -36.30 -5.06
N LEU D 46 -5.03 -36.54 -3.86
CA LEU D 46 -3.62 -36.74 -3.67
C LEU D 46 -3.15 -37.85 -4.60
N PHE D 47 -3.87 -38.96 -4.61
CA PHE D 47 -3.48 -40.12 -5.39
C PHE D 47 -3.40 -39.75 -6.88
N GLU D 48 -4.49 -39.19 -7.39
CA GLU D 48 -4.58 -38.79 -8.78
C GLU D 48 -3.59 -37.68 -9.15
N GLU D 49 -3.33 -36.78 -8.22
CA GLU D 49 -2.50 -35.64 -8.53
C GLU D 49 -1.06 -36.06 -8.61
N ALA D 50 -0.61 -36.85 -7.63
CA ALA D 50 0.74 -37.40 -7.62
C ALA D 50 0.95 -38.33 -8.81
N HIS D 51 -0.07 -39.09 -9.17
CA HIS D 51 0.04 -39.93 -10.35
C HIS D 51 0.26 -39.12 -11.63
N LYS D 52 -0.46 -38.01 -11.77
CA LYS D 52 -0.31 -37.13 -12.93
C LYS D 52 1.12 -36.60 -13.02
N MET D 53 1.61 -36.06 -11.91
CA MET D 53 2.99 -35.53 -11.81
C MET D 53 4.13 -36.53 -11.99
N VAL D 54 3.89 -37.79 -11.71
CA VAL D 54 4.86 -38.82 -11.93
C VAL D 54 4.86 -39.20 -13.40
N ARG D 55 3.68 -39.30 -14.03
CA ARG D 55 3.55 -39.44 -15.49
C ARG D 55 4.21 -38.29 -16.26
N GLU D 56 4.06 -37.06 -15.78
CA GLU D 56 4.75 -35.91 -16.38
C GLU D 56 6.25 -36.14 -16.49
N ALA D 57 6.87 -36.51 -15.37
CA ALA D 57 8.31 -36.66 -15.27
C ALA D 57 8.83 -37.95 -15.91
N ASN D 58 7.97 -38.95 -16.08
CA ASN D 58 8.29 -40.07 -16.97
C ASN D 58 8.44 -39.61 -18.42
N ILE D 59 7.32 -39.12 -18.97
CA ILE D 59 7.23 -38.69 -20.35
C ILE D 59 8.44 -37.85 -20.75
N LYS D 60 8.96 -37.05 -19.81
CA LYS D 60 10.16 -36.28 -20.08
C LYS D 60 11.44 -37.12 -20.02
N GLN D 61 11.42 -38.21 -19.26
CA GLN D 61 12.49 -39.21 -19.38
C GLN D 61 12.50 -39.81 -20.77
N ALA D 62 11.34 -39.95 -21.40
CA ALA D 62 11.25 -40.47 -22.76
C ALA D 62 11.97 -39.52 -23.70
N THR D 63 11.44 -38.32 -23.84
CA THR D 63 11.95 -37.33 -24.79
C THR D 63 13.47 -37.19 -24.67
N ALA D 64 13.97 -37.20 -23.43
CA ALA D 64 15.40 -37.11 -23.18
C ALA D 64 16.11 -38.47 -23.19
N GLU D 65 15.53 -39.43 -23.90
CA GLU D 65 16.10 -40.77 -24.01
C GLU D 65 16.21 -41.19 -25.46
N LYS D 66 15.26 -40.74 -26.28
CA LYS D 66 15.25 -41.05 -27.70
C LYS D 66 16.40 -40.32 -28.41
N GLN D 67 16.83 -39.21 -27.83
CA GLN D 67 17.92 -38.43 -28.40
C GLN D 67 19.27 -39.09 -28.13
N LEU D 68 19.31 -39.96 -27.11
CA LEU D 68 20.53 -40.67 -26.77
C LEU D 68 20.57 -42.03 -27.47
N LYS D 69 19.42 -42.67 -27.59
CA LYS D 69 19.31 -43.96 -28.25
C LYS D 69 18.79 -43.82 -29.67
N GLU D 70 17.83 -42.91 -29.85
CA GLU D 70 17.24 -42.67 -31.16
C GLU D 70 18.11 -41.72 -31.98
N ALA D 71 18.65 -40.70 -31.31
CA ALA D 71 19.51 -39.73 -31.97
C ALA D 71 20.83 -40.37 -32.41
N GLN D 72 21.50 -41.03 -31.47
CA GLN D 72 22.76 -41.69 -31.76
C GLN D 72 22.75 -42.28 -33.17
N GLY D 73 21.62 -42.89 -33.54
CA GLY D 73 21.48 -43.47 -34.87
C GLY D 73 20.79 -42.51 -35.85
N GLY E 3 15.14 38.42 45.13
CA GLY E 3 14.94 38.72 43.68
C GLY E 3 13.50 39.00 43.32
N TYR E 4 12.78 39.63 44.25
CA TYR E 4 11.39 40.01 44.03
C TYR E 4 11.27 41.19 43.07
N GLU E 5 12.18 42.16 43.19
CA GLU E 5 12.26 43.28 42.26
C GLU E 5 13.03 42.93 40.99
N ARG E 6 13.89 41.90 41.07
CA ARG E 6 14.62 41.42 39.91
C ARG E 6 13.71 40.65 38.94
N LEU E 7 12.83 39.82 39.48
CA LEU E 7 11.88 39.03 38.68
C LEU E 7 10.66 39.84 38.23
N LYS E 8 10.22 40.79 39.07
CA LYS E 8 9.15 41.73 38.69
C LYS E 8 9.63 42.83 37.71
N GLU E 9 10.96 42.97 37.58
CA GLU E 9 11.57 43.89 36.60
C GLU E 9 11.89 43.17 35.29
N GLU E 10 12.60 42.05 35.38
CA GLU E 10 13.02 41.28 34.21
C GLU E 10 11.85 40.67 33.41
N LEU E 11 10.81 40.21 34.12
CA LEU E 11 9.61 39.68 33.47
C LEU E 11 8.78 40.78 32.76
N ALA E 12 9.16 42.04 32.95
CA ALA E 12 8.63 43.15 32.14
C ALA E 12 9.46 43.32 30.86
N LYS E 13 10.78 43.20 31.00
CA LYS E 13 11.67 43.32 29.86
C LYS E 13 11.59 42.07 28.98
N ALA E 14 11.56 40.91 29.62
CA ALA E 14 11.46 39.64 28.90
C ALA E 14 10.11 39.55 28.19
N GLN E 15 9.05 39.94 28.88
CA GLN E 15 7.71 39.93 28.30
C GLN E 15 7.64 40.87 27.10
N ARG E 16 8.36 41.98 27.19
CA ARG E 16 8.41 42.95 26.10
C ARG E 16 9.11 42.37 24.88
N GLU E 17 10.19 41.63 25.12
CA GLU E 17 10.94 41.00 24.05
C GLU E 17 10.02 40.12 23.19
N LEU E 18 9.26 39.26 23.85
CA LEU E 18 8.31 38.40 23.16
C LEU E 18 7.23 39.22 22.49
N LYS E 19 6.84 40.32 23.13
CA LYS E 19 5.83 41.23 22.58
C LYS E 19 6.42 42.07 21.46
N LEU E 20 7.64 42.57 21.68
CA LEU E 20 8.32 43.37 20.67
C LEU E 20 8.41 42.55 19.39
N LYS E 21 8.89 41.31 19.52
CA LYS E 21 9.02 40.39 18.37
C LYS E 21 7.68 39.94 17.78
N ASP E 22 6.74 39.59 18.64
CA ASP E 22 5.36 39.34 18.19
C ASP E 22 4.95 40.43 17.21
N GLU E 23 5.06 41.67 17.67
CA GLU E 23 4.80 42.85 16.84
C GLU E 23 5.74 42.90 15.61
N GLU E 24 6.99 42.47 15.81
CA GLU E 24 7.97 42.47 14.73
C GLU E 24 7.71 41.32 13.76
N CYS E 25 7.11 40.25 14.27
CA CYS E 25 6.79 39.09 13.45
C CYS E 25 5.71 39.42 12.42
N GLU E 26 4.59 39.95 12.90
CA GLU E 26 3.49 40.33 12.02
C GLU E 26 3.98 41.23 10.89
N ARG E 27 4.91 42.12 11.21
CA ARG E 27 5.48 43.02 10.20
C ARG E 27 6.33 42.26 9.20
N LEU E 28 7.15 41.34 9.70
CA LEU E 28 8.01 40.53 8.85
C LEU E 28 7.19 39.57 7.99
N SER E 29 6.18 38.96 8.61
CA SER E 29 5.32 38.04 7.90
C SER E 29 4.31 38.74 7.04
N LYS E 30 4.00 39.99 7.34
CA LYS E 30 3.15 40.79 6.49
C LYS E 30 3.83 41.03 5.17
N VAL E 31 5.10 41.40 5.23
CA VAL E 31 5.81 41.76 4.03
C VAL E 31 6.26 40.56 3.24
N ARG E 32 6.21 39.37 3.85
CA ARG E 32 6.51 38.13 3.14
C ARG E 32 5.28 37.65 2.37
N ASP E 33 4.12 37.95 2.90
CA ASP E 33 2.90 37.66 2.19
C ASP E 33 2.68 38.68 1.14
N GLN E 34 3.09 39.91 1.36
CA GLN E 34 2.86 40.92 0.37
C GLN E 34 3.75 40.61 -0.80
N LEU E 35 5.00 40.22 -0.54
CA LEU E 35 5.94 39.98 -1.63
C LEU E 35 5.54 38.74 -2.41
N GLY E 36 5.06 37.75 -1.70
CA GLY E 36 4.56 36.55 -2.34
C GLY E 36 3.37 36.73 -3.26
N GLN E 37 2.54 37.75 -3.04
CA GLN E 37 1.41 37.96 -3.95
C GLN E 37 1.96 38.54 -5.21
N GLU E 38 2.91 39.46 -5.03
CA GLU E 38 3.47 40.21 -6.15
C GLU E 38 4.27 39.31 -7.08
N LEU E 39 4.91 38.31 -6.48
CA LEU E 39 5.60 37.27 -7.20
C LEU E 39 4.61 36.30 -7.84
N GLU E 40 3.46 36.14 -7.23
CA GLU E 40 2.45 35.24 -7.75
C GLU E 40 1.98 35.77 -9.07
N GLU E 41 1.68 37.07 -9.08
CA GLU E 41 0.99 37.70 -10.20
C GLU E 41 1.97 38.01 -11.31
N LEU E 42 3.23 38.27 -10.93
CA LEU E 42 4.33 38.34 -11.87
C LEU E 42 4.50 37.02 -12.59
N THR E 43 4.69 35.95 -11.83
CA THR E 43 4.92 34.67 -12.45
C THR E 43 3.68 34.13 -13.15
N ALA E 44 2.51 34.45 -12.65
CA ALA E 44 1.29 34.18 -13.36
C ALA E 44 1.32 34.70 -14.80
N SER E 45 1.94 35.86 -15.02
CA SER E 45 1.87 36.47 -16.34
C SER E 45 2.90 35.84 -17.23
N LEU E 46 4.02 35.40 -16.64
CA LEU E 46 5.15 34.91 -17.42
C LEU E 46 4.81 33.58 -17.98
N PHE E 47 4.19 32.75 -17.18
CA PHE E 47 3.71 31.44 -17.64
C PHE E 47 2.66 31.63 -18.70
N GLU E 48 1.68 32.48 -18.43
CA GLU E 48 0.66 32.70 -19.37
C GLU E 48 1.23 33.11 -20.72
N GLU E 49 2.26 33.93 -20.76
CA GLU E 49 2.84 34.25 -22.05
C GLU E 49 3.58 33.06 -22.60
N ALA E 50 4.58 32.56 -21.87
CA ALA E 50 5.39 31.43 -22.31
C ALA E 50 4.56 30.36 -22.98
N HIS E 51 3.44 30.00 -22.39
CA HIS E 51 2.57 29.05 -23.05
C HIS E 51 1.99 29.69 -24.30
N LYS E 52 1.38 30.87 -24.19
CA LYS E 52 0.86 31.60 -25.34
C LYS E 52 1.76 31.54 -26.54
N MET E 53 3.03 31.86 -26.35
CA MET E 53 4.04 31.79 -27.40
C MET E 53 4.21 30.40 -27.98
N VAL E 54 4.49 29.44 -27.10
CA VAL E 54 4.72 28.07 -27.47
C VAL E 54 3.54 27.44 -28.18
N ARG E 55 2.32 27.81 -27.82
CA ARG E 55 1.15 27.27 -28.52
C ARG E 55 1.14 27.62 -29.99
N GLU E 56 1.46 28.88 -30.30
CA GLU E 56 1.43 29.34 -31.68
C GLU E 56 2.54 28.74 -32.52
N ALA E 57 3.64 28.35 -31.88
CA ALA E 57 4.69 27.63 -32.55
C ALA E 57 4.24 26.20 -32.87
N ASN E 58 3.32 25.66 -32.06
CA ASN E 58 2.73 24.34 -32.31
C ASN E 58 1.50 24.40 -33.21
N ILE E 59 0.74 25.48 -33.14
CA ILE E 59 -0.45 25.64 -33.96
C ILE E 59 -0.11 25.58 -35.45
N LYS E 60 1.00 26.21 -35.82
CA LYS E 60 1.45 26.21 -37.20
C LYS E 60 2.04 24.87 -37.60
N GLN E 61 2.82 24.28 -36.71
CA GLN E 61 3.44 22.99 -36.96
C GLN E 61 2.39 21.95 -37.35
N ALA E 62 1.19 22.10 -36.81
CA ALA E 62 0.10 21.19 -37.11
C ALA E 62 -0.44 21.40 -38.52
N THR E 63 -0.65 22.67 -38.87
CA THR E 63 -1.16 23.02 -40.20
C THR E 63 -0.23 22.50 -41.29
N ALA E 64 1.06 22.76 -41.15
CA ALA E 64 2.05 22.31 -42.12
C ALA E 64 2.06 20.79 -42.23
N GLU E 65 2.18 20.12 -41.08
CA GLU E 65 2.19 18.65 -41.05
C GLU E 65 0.84 18.07 -41.46
N LYS E 66 -0.24 18.77 -41.07
CA LYS E 66 -1.60 18.41 -41.47
C LYS E 66 -1.75 18.41 -42.99
N GLN E 67 -1.36 19.53 -43.61
CA GLN E 67 -1.40 19.64 -45.07
C GLN E 67 -0.51 18.60 -45.78
N LEU E 68 0.56 18.15 -45.11
CA LEU E 68 1.46 17.11 -45.65
C LEU E 68 0.86 15.71 -45.58
N LYS E 69 0.07 15.41 -44.55
CA LYS E 69 -0.72 14.19 -44.50
C LYS E 69 -1.79 14.21 -45.61
N GLU E 70 -2.30 15.42 -45.91
CA GLU E 70 -3.22 15.64 -47.04
C GLU E 70 -2.67 15.23 -48.42
N ALA E 71 -1.35 15.35 -48.60
CA ALA E 71 -0.69 14.87 -49.83
C ALA E 71 0.12 13.57 -49.64
N GLN E 72 0.58 13.30 -48.41
CA GLN E 72 1.43 12.13 -48.09
C GLN E 72 0.70 10.78 -48.16
N GLY E 73 -0.60 10.78 -47.88
CA GLY E 73 -1.40 9.56 -47.95
C GLY E 73 -1.78 9.15 -49.36
N LYS E 74 -2.00 10.13 -50.24
CA LYS E 74 -2.39 9.88 -51.64
C LYS E 74 -1.23 9.33 -52.49
N ILE E 75 0.00 9.62 -52.08
CA ILE E 75 1.20 9.09 -52.73
C ILE E 75 1.50 7.66 -52.26
N ASP E 76 1.23 7.41 -50.97
CA ASP E 76 1.38 6.08 -50.37
C ASP E 76 0.17 5.19 -50.65
N VAL E 77 -0.97 5.80 -50.99
CA VAL E 77 -2.13 5.06 -51.50
C VAL E 77 -1.83 4.46 -52.88
N LEU E 78 -0.93 5.12 -53.62
CA LEU E 78 -0.53 4.72 -54.97
C LEU E 78 0.99 4.75 -55.17
N GLY F 3 5.54 27.64 44.05
CA GLY F 3 6.09 28.88 44.68
C GLY F 3 7.48 29.22 44.17
N TYR F 4 8.49 28.58 44.77
CA TYR F 4 9.88 28.72 44.30
C TYR F 4 10.17 27.98 42.98
N GLU F 5 9.20 27.19 42.51
CA GLU F 5 9.27 26.51 41.19
C GLU F 5 8.47 27.22 40.08
N ARG F 6 7.70 28.26 40.45
CA ARG F 6 6.94 29.05 39.46
C ARG F 6 7.81 30.01 38.63
N LEU F 7 8.93 30.48 39.20
CA LEU F 7 9.92 31.28 38.47
C LEU F 7 10.63 30.41 37.41
N LYS F 8 10.96 29.17 37.78
CA LYS F 8 11.59 28.22 36.86
C LYS F 8 10.66 27.79 35.71
N GLU F 9 9.34 27.86 35.94
CA GLU F 9 8.35 27.53 34.92
C GLU F 9 8.23 28.60 33.83
N GLU F 10 8.67 29.83 34.16
CA GLU F 10 8.55 31.00 33.27
C GLU F 10 9.66 31.11 32.22
N LEU F 11 10.92 31.10 32.65
CA LEU F 11 12.06 31.20 31.72
C LEU F 11 12.59 29.85 31.20
N ALA F 12 12.06 28.72 31.69
CA ALA F 12 12.19 27.45 30.98
C ALA F 12 11.32 27.56 29.72
N LYS F 13 10.16 28.19 29.89
CA LYS F 13 9.21 28.46 28.80
C LYS F 13 9.68 29.62 27.92
N ALA F 14 9.93 30.78 28.53
CA ALA F 14 10.38 31.95 27.81
C ALA F 14 11.62 31.64 26.98
N GLN F 15 12.63 31.06 27.62
CA GLN F 15 13.87 30.72 26.94
C GLN F 15 13.59 29.97 25.63
N ARG F 16 12.59 29.09 25.66
CA ARG F 16 12.21 28.32 24.49
C ARG F 16 11.34 29.14 23.54
N GLU F 17 10.76 30.21 24.07
CA GLU F 17 9.90 31.09 23.28
C GLU F 17 10.73 32.11 22.50
N LEU F 18 11.51 32.92 23.22
CA LEU F 18 12.35 33.93 22.58
C LEU F 18 13.04 33.37 21.34
N LYS F 19 13.81 32.29 21.54
CA LYS F 19 14.52 31.65 20.44
C LYS F 19 13.61 31.47 19.23
N LEU F 20 12.43 30.92 19.46
CA LEU F 20 11.45 30.69 18.39
C LEU F 20 11.28 31.90 17.46
N LYS F 21 10.87 33.05 18.01
CA LYS F 21 10.66 34.26 17.22
C LYS F 21 11.97 34.74 16.60
N ASP F 22 12.99 34.93 17.43
CA ASP F 22 14.32 35.31 16.97
C ASP F 22 14.78 34.48 15.78
N GLU F 23 14.42 33.21 15.77
CA GLU F 23 14.70 32.34 14.62
C GLU F 23 13.73 32.56 13.47
N GLU F 24 12.46 32.80 13.79
CA GLU F 24 11.47 33.15 12.77
C GLU F 24 11.98 34.30 11.88
N CYS F 25 12.39 35.41 12.50
CA CYS F 25 12.82 36.61 11.75
C CYS F 25 14.06 36.41 10.93
N GLU F 26 15.04 35.73 11.51
CA GLU F 26 16.21 35.38 10.75
C GLU F 26 15.75 34.93 9.38
N ARG F 27 14.72 34.10 9.34
CA ARG F 27 14.16 33.62 8.07
C ARG F 27 13.45 34.74 7.36
N LEU F 28 12.44 35.25 8.03
CA LEU F 28 11.53 36.15 7.39
C LEU F 28 12.29 37.33 6.81
N SER F 29 13.50 37.60 7.28
CA SER F 29 14.30 38.70 6.75
C SER F 29 14.97 38.37 5.42
N LYS F 30 15.47 37.14 5.28
CA LYS F 30 16.13 36.75 4.04
C LYS F 30 15.15 36.56 2.87
N VAL F 31 13.85 36.46 3.18
CA VAL F 31 12.81 36.26 2.17
C VAL F 31 12.87 37.20 0.97
N ARG F 32 12.69 38.51 1.15
CA ARG F 32 12.71 39.41 -0.01
C ARG F 32 13.89 39.18 -0.97
N ASP F 33 15.03 38.75 -0.45
CA ASP F 33 16.17 38.52 -1.32
C ASP F 33 16.08 37.18 -2.01
N GLN F 34 15.57 36.18 -1.31
CA GLN F 34 15.36 34.88 -1.92
C GLN F 34 14.26 34.89 -2.99
N LEU F 35 13.13 35.49 -2.67
CA LEU F 35 12.10 35.68 -3.67
C LEU F 35 12.64 36.34 -4.96
N GLY F 36 13.38 37.43 -4.84
CA GLY F 36 14.07 37.99 -5.99
C GLY F 36 15.12 37.07 -6.60
N GLN F 37 16.05 36.58 -5.78
CA GLN F 37 17.13 35.77 -6.30
C GLN F 37 16.61 34.46 -6.86
N GLU F 38 15.41 34.07 -6.45
CA GLU F 38 14.70 33.03 -7.15
C GLU F 38 14.02 33.58 -8.39
N LEU F 39 13.16 34.60 -8.25
CA LEU F 39 12.38 35.11 -9.38
C LEU F 39 13.21 35.21 -10.66
N GLU F 40 14.47 35.64 -10.47
CA GLU F 40 15.43 35.73 -11.54
C GLU F 40 15.63 34.40 -12.17
N GLU F 41 16.14 33.44 -11.40
CA GLU F 41 16.44 32.12 -11.93
C GLU F 41 15.26 31.59 -12.67
N LEU F 42 14.11 31.72 -12.06
CA LEU F 42 12.91 31.26 -12.68
C LEU F 42 12.80 31.93 -14.03
N THR F 43 12.86 33.24 -14.04
CA THR F 43 12.56 33.99 -15.25
C THR F 43 13.49 33.54 -16.38
N ALA F 44 14.76 33.33 -16.08
CA ALA F 44 15.71 32.78 -17.04
C ALA F 44 15.21 31.43 -17.53
N SER F 45 15.09 30.50 -16.60
CA SER F 45 14.70 29.14 -16.93
C SER F 45 13.49 29.15 -17.82
N LEU F 46 12.55 30.00 -17.47
CA LEU F 46 11.34 30.17 -18.24
C LEU F 46 11.67 30.54 -19.66
N PHE F 47 12.52 31.56 -19.79
CA PHE F 47 12.93 32.12 -21.07
C PHE F 47 13.65 31.07 -21.88
N GLU F 48 14.66 30.45 -21.27
CA GLU F 48 15.44 29.42 -21.94
C GLU F 48 14.54 28.34 -22.53
N GLU F 49 13.76 27.69 -21.66
CA GLU F 49 12.85 26.64 -22.09
C GLU F 49 11.86 27.16 -23.13
N ALA F 50 11.35 28.36 -22.89
CA ALA F 50 10.38 28.97 -23.80
C ALA F 50 10.90 28.96 -25.23
N HIS F 51 12.18 29.24 -25.41
CA HIS F 51 12.79 29.25 -26.72
C HIS F 51 12.92 27.85 -27.27
N LYS F 52 13.54 26.97 -26.51
CA LYS F 52 13.73 25.58 -26.92
C LYS F 52 12.46 25.02 -27.54
N MET F 53 11.34 25.21 -26.84
CA MET F 53 10.05 24.72 -27.32
C MET F 53 9.69 25.33 -28.68
N VAL F 54 9.79 26.66 -28.76
CA VAL F 54 9.49 27.37 -29.99
C VAL F 54 10.41 26.93 -31.12
N ARG F 55 11.66 26.62 -30.77
CA ARG F 55 12.64 26.18 -31.76
C ARG F 55 12.18 24.88 -32.36
N GLU F 56 12.03 23.86 -31.53
CA GLU F 56 11.65 22.55 -32.00
C GLU F 56 10.45 22.62 -32.91
N ALA F 57 9.41 23.30 -32.46
CA ALA F 57 8.23 23.56 -33.28
C ALA F 57 8.58 23.99 -34.71
N ASN F 58 9.53 24.92 -34.82
CA ASN F 58 9.87 25.49 -36.12
C ASN F 58 10.70 24.54 -36.96
N ILE F 59 11.72 23.94 -36.34
CA ILE F 59 12.53 22.89 -36.97
C ILE F 59 11.64 21.95 -37.77
N LYS F 60 10.52 21.55 -37.14
CA LYS F 60 9.58 20.61 -37.72
C LYS F 60 8.65 21.25 -38.75
N GLN F 61 8.44 22.56 -38.65
CA GLN F 61 7.75 23.31 -39.72
C GLN F 61 8.57 23.35 -41.03
N ALA F 62 9.89 23.37 -40.88
CA ALA F 62 10.83 23.36 -42.01
C ALA F 62 10.81 22.01 -42.68
N THR F 63 11.32 21.00 -41.98
CA THR F 63 11.40 19.65 -42.52
C THR F 63 10.06 19.15 -43.09
N ALA F 64 8.94 19.54 -42.45
CA ALA F 64 7.60 19.23 -42.95
C ALA F 64 7.09 20.24 -43.96
N GLU F 65 8.01 21.01 -44.55
CA GLU F 65 7.73 21.86 -45.72
C GLU F 65 8.69 21.54 -46.89
N LYS F 66 9.88 21.02 -46.56
CA LYS F 66 10.84 20.53 -47.56
C LYS F 66 10.32 19.30 -48.29
N GLN F 67 9.30 18.65 -47.72
CA GLN F 67 8.60 17.56 -48.39
C GLN F 67 7.64 18.16 -49.42
N LEU F 68 7.05 19.32 -49.08
CA LEU F 68 6.19 20.07 -50.02
C LEU F 68 6.93 20.64 -51.25
N LYS F 69 8.27 20.72 -51.19
CA LYS F 69 9.11 21.19 -52.31
C LYS F 69 9.97 20.08 -52.96
N GLU F 70 10.45 19.14 -52.14
CA GLU F 70 11.29 18.00 -52.62
C GLU F 70 10.49 16.70 -52.80
N ALA F 71 9.56 16.44 -51.89
CA ALA F 71 8.65 15.29 -51.99
C ALA F 71 7.51 15.50 -53.01
N GLN F 72 7.09 16.75 -53.20
CA GLN F 72 6.15 17.08 -54.30
C GLN F 72 6.85 16.99 -55.67
N GLY F 73 8.14 17.32 -55.70
CA GLY F 73 8.98 17.15 -56.89
C GLY F 73 9.17 15.69 -57.28
N LYS F 74 9.12 14.81 -56.27
CA LYS F 74 9.08 13.35 -56.49
C LYS F 74 7.76 12.94 -57.16
N ILE F 75 6.66 13.61 -56.80
CA ILE F 75 5.39 13.46 -57.50
C ILE F 75 5.44 14.07 -58.90
N ASP F 76 6.22 15.16 -59.05
CA ASP F 76 6.45 15.80 -60.36
C ASP F 76 7.46 15.06 -61.24
N VAL F 77 8.25 14.17 -60.64
CA VAL F 77 9.26 13.37 -61.36
C VAL F 77 8.79 11.95 -61.73
N LEU F 78 7.73 11.46 -61.07
CA LEU F 78 7.20 10.12 -61.34
C LEU F 78 6.37 10.11 -62.62
#